data_2RHM
#
_entry.id   2RHM
#
_cell.length_a   72.930
_cell.length_b   76.790
_cell.length_c   129.110
_cell.angle_alpha   90.000
_cell.angle_beta   90.000
_cell.angle_gamma   90.000
#
_symmetry.space_group_name_H-M   'P 21 21 21'
#
loop_
_entity.id
_entity.type
_entity.pdbx_description
1 polymer 'Putative kinase'
2 non-polymer 'CHLORIDE ION'
3 non-polymer 'BENZOIC ACID'
4 non-polymer GLYCEROL
5 water water
#
_entity_poly.entity_id   1
_entity_poly.type   'polypeptide(L)'
_entity_poly.pdbx_seq_one_letter_code
;G(MSE)QTPALIIVTGHPATGKTTLSQALATGLRLPLLSKDAFKEV(MSE)FDGLGWSDREWSRRVGATAI(MSE)
(MSE)LYHTAATILQSGQSLI(MSE)ESNFRVDLDTER(MSE)QNLHTIAPFTPIQIRCVASGDVLVERILSRIAQGARH
PGHCDDRSPADLELVRSRGDIPPLPLGGPLLTVDTTFPEQID(MSE)NAIVQWVRQHLQSGTAFL
;
_entity_poly.pdbx_strand_id   A,B,C,D
#
# COMPACT_ATOMS: atom_id res chain seq x y z
N GLY A 1 18.18 -3.68 -3.00
CA GLY A 1 18.47 -2.38 -2.32
C GLY A 1 17.25 -1.92 -1.55
N GLN A 3 17.18 1.40 -0.39
CA GLN A 3 17.20 2.86 -0.48
C GLN A 3 15.95 3.36 -1.20
N THR A 4 15.44 4.52 -0.79
CA THR A 4 14.30 5.11 -1.42
C THR A 4 14.69 5.45 -2.86
N PRO A 5 13.85 5.09 -3.83
CA PRO A 5 14.22 5.35 -5.22
C PRO A 5 14.06 6.82 -5.57
N ALA A 6 14.84 7.27 -6.54
CA ALA A 6 14.72 8.64 -7.03
C ALA A 6 13.69 8.74 -8.14
N LEU A 7 12.96 9.85 -8.14
CA LEU A 7 12.08 10.18 -9.23
C LEU A 7 12.67 11.43 -9.87
N ILE A 8 13.17 11.28 -11.09
CA ILE A 8 13.79 12.37 -11.83
C ILE A 8 12.73 12.94 -12.75
N ILE A 9 12.37 14.18 -12.50
CA ILE A 9 11.36 14.88 -13.25
C ILE A 9 11.99 15.85 -14.23
N VAL A 10 11.79 15.60 -15.53
CA VAL A 10 12.25 16.50 -16.57
C VAL A 10 11.06 17.24 -17.12
N THR A 11 11.01 18.54 -16.85
CA THR A 11 9.89 19.35 -17.26
C THR A 11 10.37 20.47 -18.19
N GLY A 12 9.41 21.09 -18.86
CA GLY A 12 9.71 22.17 -19.78
C GLY A 12 8.55 22.32 -20.72
N HIS A 13 8.35 23.51 -21.30
CA HIS A 13 7.36 23.62 -22.34
C HIS A 13 7.83 22.83 -23.59
N PRO A 14 6.89 22.52 -24.50
CA PRO A 14 7.30 21.85 -25.74
C PRO A 14 8.44 22.52 -26.49
N ALA A 15 9.37 21.71 -26.99
CA ALA A 15 10.49 22.17 -27.80
C ALA A 15 11.61 22.84 -27.00
N THR A 16 11.54 22.81 -25.67
CA THR A 16 12.60 23.34 -24.80
C THR A 16 13.79 22.40 -24.65
N GLY A 17 13.72 21.23 -25.25
CA GLY A 17 14.82 20.27 -25.20
C GLY A 17 14.65 19.17 -24.17
N LYS A 18 13.51 19.17 -23.47
CA LYS A 18 13.24 18.13 -22.47
C LYS A 18 13.29 16.70 -23.04
N THR A 19 12.89 16.49 -24.29
CA THR A 19 12.96 15.15 -24.91
C THR A 19 14.39 14.64 -25.06
N THR A 20 15.23 15.40 -25.76
CA THR A 20 16.61 15.03 -25.96
C THR A 20 17.34 14.88 -24.63
N LEU A 21 17.14 15.82 -23.73
CA LEU A 21 17.79 15.78 -22.43
C LEU A 21 17.34 14.59 -21.61
N SER A 22 16.05 14.30 -21.57
CA SER A 22 15.56 13.15 -20.78
C SER A 22 16.12 11.84 -21.36
N GLN A 23 16.24 11.76 -22.68
CA GLN A 23 16.79 10.57 -23.30
C GLN A 23 18.28 10.42 -22.96
N ALA A 24 19.00 11.54 -22.89
CA ALA A 24 20.40 11.53 -22.50
C ALA A 24 20.55 11.11 -21.05
N LEU A 25 19.65 11.60 -20.19
CA LEU A 25 19.67 11.17 -18.80
C LEU A 25 19.39 9.69 -18.67
N ALA A 26 18.43 9.18 -19.45
CA ALA A 26 18.02 7.78 -19.31
C ALA A 26 19.17 6.89 -19.72
N THR A 27 19.77 7.21 -20.86
CA THR A 27 20.87 6.43 -21.38
C THR A 27 22.14 6.62 -20.53
N GLY A 28 22.35 7.83 -20.04
CA GLY A 28 23.53 8.15 -19.23
C GLY A 28 23.51 7.55 -17.83
N LEU A 29 22.34 7.48 -17.22
CA LEU A 29 22.18 6.94 -15.87
C LEU A 29 21.68 5.49 -15.91
N ARG A 30 21.29 5.02 -17.08
CA ARG A 30 20.71 3.69 -17.25
C ARG A 30 19.45 3.53 -16.39
N LEU A 31 18.49 4.43 -16.61
CA LEU A 31 17.22 4.40 -15.89
C LEU A 31 16.08 4.34 -16.90
N PRO A 32 14.91 3.82 -16.47
CA PRO A 32 13.74 3.83 -17.32
C PRO A 32 13.25 5.25 -17.56
N LEU A 33 12.67 5.46 -18.73
CA LEU A 33 12.14 6.77 -19.11
C LEU A 33 10.70 6.65 -19.51
N LEU A 34 9.85 7.45 -18.86
CA LEU A 34 8.44 7.50 -19.14
C LEU A 34 8.19 8.90 -19.65
N SER A 35 7.81 9.00 -20.93
CA SER A 35 7.54 10.28 -21.59
C SER A 35 6.07 10.44 -21.96
N LYS A 36 5.42 11.58 -21.61
CA LYS A 36 4.02 11.80 -22.01
C LYS A 36 3.84 11.68 -23.52
N ASP A 37 4.67 12.39 -24.28
CA ASP A 37 4.54 12.38 -25.75
C ASP A 37 4.72 10.99 -26.36
N ALA A 38 5.65 10.21 -25.84
CA ALA A 38 5.88 8.85 -26.32
C ALA A 38 4.65 7.97 -26.06
N PHE A 39 4.02 8.11 -24.89
CA PHE A 39 2.81 7.35 -24.58
C PHE A 39 1.68 7.81 -25.51
N LYS A 40 1.58 9.12 -25.72
CA LYS A 40 0.56 9.65 -26.63
C LYS A 40 0.70 9.05 -28.03
N GLU A 41 1.94 8.91 -28.51
CA GLU A 41 2.22 8.37 -29.85
C GLU A 41 1.78 6.91 -29.98
N VAL A 42 1.97 6.12 -28.93
CA VAL A 42 1.53 4.74 -28.92
C VAL A 42 0.01 4.70 -29.01
N PHE A 44 -2.09 7.13 -30.22
CA PHE A 44 -2.56 7.60 -31.55
C PHE A 44 -2.39 6.46 -32.56
N ASP A 45 -1.27 5.75 -32.49
CA ASP A 45 -1.04 4.64 -33.40
C ASP A 45 -2.03 3.48 -33.23
N GLY A 46 -2.51 3.25 -32.02
CA GLY A 46 -3.44 2.16 -31.75
C GLY A 46 -4.91 2.54 -31.88
N LEU A 47 -5.22 3.81 -31.60
CA LEU A 47 -6.62 4.26 -31.57
C LEU A 47 -7.01 5.27 -32.65
N GLY A 48 -6.03 5.91 -33.26
CA GLY A 48 -6.24 6.87 -34.34
C GLY A 48 -6.28 8.30 -33.86
N TRP A 49 -6.57 9.20 -34.80
CA TRP A 49 -6.69 10.65 -34.53
C TRP A 49 -8.08 11.16 -34.92
N SER A 50 -8.42 12.37 -34.45
CA SER A 50 -9.74 12.98 -34.67
C SER A 50 -9.63 14.48 -34.39
N ASP A 51 -10.69 15.08 -33.82
CA ASP A 51 -10.65 16.50 -33.43
C ASP A 51 -9.62 16.70 -32.31
N ARG A 52 -9.05 17.90 -32.20
CA ARG A 52 -7.95 18.15 -31.25
C ARG A 52 -8.32 18.01 -29.76
N GLU A 53 -9.60 17.86 -29.46
CA GLU A 53 -10.00 17.57 -28.09
C GLU A 53 -9.63 16.11 -27.82
N TRP A 54 -9.67 15.28 -28.86
CA TRP A 54 -9.21 13.90 -28.76
C TRP A 54 -7.75 13.87 -28.36
N SER A 55 -6.91 14.63 -29.06
CA SER A 55 -5.51 14.72 -28.68
C SER A 55 -5.36 15.14 -27.22
N ARG A 56 -6.23 16.06 -26.77
CA ARG A 56 -6.21 16.53 -25.39
C ARG A 56 -6.54 15.38 -24.44
N ARG A 57 -7.59 14.63 -24.76
N ARG A 57 -7.58 14.61 -24.76
CA ARG A 57 -8.00 13.45 -23.99
CA ARG A 57 -7.97 13.48 -23.92
C ARG A 57 -6.89 12.40 -23.97
C ARG A 57 -6.92 12.35 -23.97
N VAL A 58 -6.28 12.17 -25.12
CA VAL A 58 -5.17 11.20 -25.24
C VAL A 58 -4.02 11.68 -24.36
N GLY A 59 -3.75 12.98 -24.37
CA GLY A 59 -2.70 13.53 -23.53
C GLY A 59 -2.99 13.29 -22.05
N ALA A 60 -4.23 13.52 -21.64
CA ALA A 60 -4.64 13.34 -20.24
C ALA A 60 -4.49 11.88 -19.80
N THR A 61 -4.82 10.98 -20.71
CA THR A 61 -4.76 9.55 -20.46
C THR A 61 -3.32 9.07 -20.41
N ALA A 62 -2.47 9.65 -21.25
CA ALA A 62 -1.05 9.30 -21.25
C ALA A 62 -0.42 9.67 -19.90
N ILE A 63 -0.78 10.83 -19.40
CA ILE A 63 -0.35 11.28 -18.08
C ILE A 63 -0.76 10.26 -17.00
N LEU A 66 1.42 7.45 -17.25
CA LEU A 66 2.72 7.78 -16.62
C LEU A 66 2.73 7.51 -15.12
N TYR A 67 1.69 7.99 -14.41
CA TYR A 67 1.62 7.77 -12.98
C TYR A 67 1.37 6.32 -12.61
N HIS A 68 0.58 5.62 -13.42
CA HIS A 68 0.31 4.19 -13.22
C HIS A 68 1.61 3.39 -13.28
N THR A 69 2.39 3.63 -14.33
CA THR A 69 3.63 2.91 -14.56
C THR A 69 4.73 3.29 -13.55
N ALA A 70 4.83 4.58 -13.25
CA ALA A 70 5.78 5.07 -12.26
C ALA A 70 5.60 4.38 -10.92
N ALA A 71 4.35 4.23 -10.49
CA ALA A 71 4.05 3.61 -9.20
C ALA A 71 4.64 2.21 -9.09
N THR A 72 4.40 1.36 -10.09
CA THR A 72 4.90 -0.02 -10.01
C THR A 72 6.43 -0.07 -10.08
N ILE A 73 7.03 0.81 -10.88
CA ILE A 73 8.49 0.83 -10.98
C ILE A 73 9.11 1.31 -9.64
N LEU A 74 8.57 2.38 -9.10
CA LEU A 74 9.08 2.90 -7.83
C LEU A 74 8.83 1.92 -6.69
N GLN A 75 7.70 1.24 -6.72
CA GLN A 75 7.38 0.28 -5.66
C GLN A 75 8.37 -0.90 -5.61
N SER A 76 8.99 -1.18 -6.75
CA SER A 76 10.06 -2.18 -6.82
C SER A 76 11.42 -1.62 -6.35
N GLY A 77 11.48 -0.34 -6.01
CA GLY A 77 12.73 0.27 -5.56
C GLY A 77 13.63 0.80 -6.67
N GLN A 78 13.12 0.80 -7.90
CA GLN A 78 13.89 1.25 -9.07
C GLN A 78 13.63 2.74 -9.30
N SER A 79 14.69 3.49 -9.56
CA SER A 79 14.55 4.91 -9.87
C SER A 79 14.13 5.07 -11.33
N LEU A 80 13.58 6.22 -11.66
CA LEU A 80 13.13 6.46 -13.01
C LEU A 80 13.06 7.93 -13.37
N ILE A 81 12.92 8.19 -14.66
CA ILE A 81 12.78 9.53 -15.21
C ILE A 81 11.38 9.68 -15.80
N GLU A 83 9.12 12.48 -18.00
CA GLU A 83 9.26 13.66 -18.82
C GLU A 83 7.90 14.11 -19.36
N SER A 84 7.58 15.36 -19.08
CA SER A 84 6.37 15.97 -19.57
C SER A 84 6.40 17.49 -19.40
N ASN A 85 5.43 18.16 -20.01
CA ASN A 85 5.20 19.58 -19.70
C ASN A 85 4.27 19.65 -18.48
N PHE A 86 4.82 19.31 -17.32
CA PHE A 86 4.04 19.16 -16.11
C PHE A 86 3.35 20.48 -15.71
N ARG A 87 2.15 20.37 -15.14
CA ARG A 87 1.38 21.54 -14.69
C ARG A 87 1.35 21.60 -13.18
N VAL A 88 1.74 22.74 -12.61
CA VAL A 88 1.71 22.91 -11.16
C VAL A 88 0.33 22.61 -10.59
N ASP A 89 -0.71 23.14 -11.23
CA ASP A 89 -2.07 23.04 -10.67
C ASP A 89 -2.65 21.63 -10.56
N LEU A 90 -2.16 20.71 -11.38
CA LEU A 90 -2.67 19.32 -11.39
C LEU A 90 -1.63 18.27 -11.00
N ASP A 91 -0.39 18.43 -11.45
CA ASP A 91 0.64 17.44 -11.16
C ASP A 91 1.24 17.55 -9.76
N THR A 92 1.00 18.65 -9.06
CA THR A 92 1.48 18.74 -7.69
C THR A 92 0.73 17.69 -6.85
N GLU A 93 -0.59 17.66 -6.96
CA GLU A 93 -1.39 16.68 -6.21
C GLU A 93 -1.16 15.22 -6.67
N ARG A 94 -1.00 15.01 -7.99
CA ARG A 94 -0.72 13.68 -8.51
C ARG A 94 0.61 13.12 -8.00
N GLN A 96 2.05 14.00 -5.15
CA GLN A 96 1.83 13.73 -3.71
C GLN A 96 1.14 12.39 -3.52
N ASN A 97 0.09 12.17 -4.30
CA ASN A 97 -0.60 10.88 -4.27
C ASN A 97 0.33 9.73 -4.64
N LEU A 98 1.20 9.95 -5.63
CA LEU A 98 2.15 8.93 -6.03
C LEU A 98 3.09 8.64 -4.88
N HIS A 99 3.54 9.68 -4.20
CA HIS A 99 4.49 9.51 -3.10
C HIS A 99 3.91 8.67 -1.98
N THR A 100 2.62 8.87 -1.72
CA THR A 100 1.93 8.11 -0.69
C THR A 100 1.95 6.62 -0.97
N ILE A 101 1.67 6.23 -2.22
CA ILE A 101 1.66 4.80 -2.58
C ILE A 101 3.01 4.27 -3.04
N ALA A 102 3.91 5.17 -3.41
CA ALA A 102 5.22 4.78 -3.94
C ALA A 102 6.21 5.88 -3.61
N PRO A 103 6.72 5.88 -2.36
CA PRO A 103 7.68 6.89 -1.93
C PRO A 103 8.87 7.04 -2.85
N PHE A 104 9.32 8.28 -3.03
CA PHE A 104 10.43 8.60 -3.91
C PHE A 104 11.14 9.84 -3.40
N THR A 105 12.37 10.03 -3.88
CA THR A 105 13.14 11.22 -3.58
C THR A 105 13.24 12.02 -4.89
N PRO A 106 12.58 13.19 -4.94
CA PRO A 106 12.55 13.96 -6.19
C PRO A 106 13.83 14.70 -6.57
N ILE A 107 14.16 14.67 -7.86
CA ILE A 107 15.24 15.45 -8.45
C ILE A 107 14.62 16.06 -9.71
N GLN A 108 14.71 17.38 -9.86
CA GLN A 108 14.02 18.05 -10.95
C GLN A 108 14.92 18.82 -11.90
N ILE A 109 14.67 18.65 -13.19
CA ILE A 109 15.39 19.40 -14.22
C ILE A 109 14.35 20.11 -15.05
N ARG A 110 14.43 21.43 -15.12
CA ARG A 110 13.49 22.22 -15.90
C ARG A 110 14.21 22.82 -17.10
N CYS A 111 13.66 22.59 -18.28
CA CYS A 111 14.23 23.09 -19.52
C CYS A 111 13.51 24.36 -19.93
N VAL A 112 14.27 25.33 -20.41
CA VAL A 112 13.74 26.61 -20.86
C VAL A 112 14.50 27.03 -22.13
N ALA A 113 13.90 27.90 -22.93
CA ALA A 113 14.55 28.45 -24.12
C ALA A 113 13.78 29.67 -24.55
N SER A 114 14.43 30.55 -25.32
CA SER A 114 13.79 31.79 -25.74
C SER A 114 12.58 31.48 -26.60
N GLY A 115 11.58 32.34 -26.57
CA GLY A 115 10.38 32.14 -27.37
C GLY A 115 10.66 32.07 -28.87
N ASP A 116 11.57 32.90 -29.34
CA ASP A 116 11.91 32.91 -30.77
C ASP A 116 12.48 31.58 -31.23
N VAL A 117 13.41 31.04 -30.45
CA VAL A 117 13.97 29.72 -30.74
C VAL A 117 12.90 28.62 -30.64
N LEU A 118 11.98 28.75 -29.71
CA LEU A 118 10.92 27.77 -29.57
C LEU A 118 10.00 27.77 -30.78
N VAL A 119 9.67 28.95 -31.29
CA VAL A 119 8.85 29.03 -32.49
C VAL A 119 9.60 28.37 -33.65
N GLU A 120 10.86 28.73 -33.83
CA GLU A 120 11.69 28.15 -34.88
C GLU A 120 11.68 26.62 -34.86
N ARG A 121 11.95 26.05 -33.69
CA ARG A 121 11.94 24.60 -33.51
C ARG A 121 10.61 23.96 -33.85
N ILE A 122 9.53 24.56 -33.35
CA ILE A 122 8.19 24.05 -33.60
C ILE A 122 7.84 24.14 -35.08
N LEU A 123 8.16 25.25 -35.73
CA LEU A 123 7.91 25.39 -37.15
C LEU A 123 8.70 24.34 -37.93
N SER A 124 9.98 24.16 -37.58
CA SER A 124 10.83 23.20 -38.29
C SER A 124 10.37 21.76 -38.05
N ARG A 125 9.91 21.44 -36.84
CA ARG A 125 9.38 20.11 -36.56
C ARG A 125 8.10 19.87 -37.36
N ILE A 126 7.24 20.89 -37.40
CA ILE A 126 6.02 20.86 -38.19
C ILE A 126 6.35 20.67 -39.67
N ALA A 127 7.38 21.39 -40.12
CA ALA A 127 7.81 21.32 -41.52
C ALA A 127 8.53 20.01 -41.84
N GLN A 128 9.30 19.49 -40.89
CA GLN A 128 10.07 18.26 -41.09
C GLN A 128 9.32 17.00 -40.64
N GLY A 129 8.00 17.06 -40.61
CA GLY A 129 7.16 15.92 -40.22
C GLY A 129 7.58 15.19 -38.96
N ALA A 130 8.04 15.94 -37.96
CA ALA A 130 8.47 15.35 -36.69
C ALA A 130 7.52 15.73 -35.58
N ARG A 139 -0.33 24.36 -35.66
CA ARG A 139 0.30 25.53 -35.06
C ARG A 139 -0.27 26.83 -35.64
N SER A 140 -1.37 27.30 -35.05
CA SER A 140 -2.00 28.55 -35.47
C SER A 140 -1.19 29.76 -35.00
N PRO A 141 -1.51 30.96 -35.52
CA PRO A 141 -0.78 32.15 -35.05
C PRO A 141 -0.98 32.41 -33.55
N ALA A 142 -2.10 31.97 -33.00
CA ALA A 142 -2.33 32.06 -31.56
C ALA A 142 -1.45 31.04 -30.85
N ASP A 143 -1.37 29.83 -31.41
CA ASP A 143 -0.50 28.80 -30.86
C ASP A 143 0.94 29.29 -30.81
N LEU A 144 1.42 29.82 -31.92
CA LEU A 144 2.81 30.33 -32.00
C LEU A 144 3.05 31.57 -31.14
N GLU A 145 2.05 32.45 -31.03
CA GLU A 145 2.23 33.63 -30.19
C GLU A 145 2.34 33.20 -28.72
N LEU A 146 1.54 32.21 -28.35
CA LEU A 146 1.57 31.65 -27.01
C LEU A 146 2.95 31.02 -26.75
N VAL A 147 3.48 30.31 -27.74
CA VAL A 147 4.82 29.72 -27.61
C VAL A 147 5.88 30.80 -27.39
N ARG A 148 5.77 31.90 -28.15
N ARG A 148 5.75 31.88 -28.16
CA ARG A 148 6.79 32.94 -28.14
CA ARG A 148 6.74 32.96 -28.18
C ARG A 148 6.77 33.80 -26.88
C ARG A 148 6.76 33.81 -26.91
N SER A 149 5.59 34.07 -26.34
CA SER A 149 5.44 34.99 -25.19
C SER A 149 5.25 34.35 -23.80
N ARG A 150 4.99 33.06 -23.78
CA ARG A 150 4.62 32.30 -22.58
C ARG A 150 5.56 32.38 -21.39
N GLY A 151 6.86 32.48 -21.65
CA GLY A 151 7.83 32.45 -20.56
C GLY A 151 8.08 31.02 -20.11
N ASP A 152 8.90 30.87 -19.08
CA ASP A 152 9.35 29.56 -18.64
C ASP A 152 8.29 28.82 -17.82
N ILE A 153 8.30 27.50 -17.91
CA ILE A 153 7.30 26.69 -17.22
C ILE A 153 7.62 26.74 -15.73
N PRO A 154 6.59 26.86 -14.87
CA PRO A 154 6.90 26.78 -13.44
C PRO A 154 7.30 25.38 -13.01
N PRO A 155 8.33 25.28 -12.16
CA PRO A 155 8.74 23.95 -11.71
C PRO A 155 7.72 23.40 -10.71
N LEU A 156 7.66 22.08 -10.56
CA LEU A 156 6.74 21.50 -9.58
C LEU A 156 7.28 21.73 -8.15
N PRO A 157 6.42 22.20 -7.23
CA PRO A 157 6.88 22.43 -5.85
C PRO A 157 6.96 21.11 -5.07
N LEU A 158 7.96 20.30 -5.37
CA LEU A 158 8.08 18.96 -4.76
C LEU A 158 9.18 18.88 -3.71
N GLY A 159 9.95 19.95 -3.55
CA GLY A 159 11.14 19.92 -2.71
C GLY A 159 12.21 19.21 -3.49
N GLY A 160 13.39 19.05 -2.90
CA GLY A 160 14.49 18.41 -3.61
C GLY A 160 15.20 19.41 -4.51
N PRO A 161 16.32 18.98 -5.12
CA PRO A 161 17.08 19.88 -5.96
C PRO A 161 16.41 20.20 -7.30
N LEU A 162 16.64 21.42 -7.76
CA LEU A 162 16.10 21.92 -9.03
C LEU A 162 17.27 22.45 -9.85
N LEU A 163 17.31 22.07 -11.12
CA LEU A 163 18.29 22.56 -12.07
C LEU A 163 17.54 23.08 -13.30
N THR A 164 17.77 24.36 -13.64
CA THR A 164 17.18 24.91 -14.84
C THR A 164 18.24 24.94 -15.95
N VAL A 165 17.88 24.40 -17.12
CA VAL A 165 18.79 24.30 -18.25
C VAL A 165 18.20 25.08 -19.40
N ASP A 166 18.91 26.15 -19.79
CA ASP A 166 18.48 27.02 -20.87
C ASP A 166 19.06 26.47 -22.15
N THR A 167 18.21 26.05 -23.09
CA THR A 167 18.70 25.42 -24.31
C THR A 167 18.65 26.29 -25.56
N THR A 168 18.52 27.60 -25.39
CA THR A 168 18.45 28.54 -26.51
C THR A 168 19.67 28.38 -27.46
N PHE A 169 20.81 28.03 -26.89
CA PHE A 169 22.06 27.83 -27.63
C PHE A 169 22.60 26.45 -27.28
N PRO A 170 22.10 25.40 -27.96
CA PRO A 170 22.42 24.01 -27.65
C PRO A 170 23.92 23.67 -27.68
N GLU A 171 24.71 24.39 -28.48
CA GLU A 171 26.15 24.13 -28.58
C GLU A 171 26.87 24.36 -27.25
N GLN A 172 26.33 25.24 -26.40
CA GLN A 172 26.94 25.52 -25.10
C GLN A 172 26.44 24.62 -23.96
N ILE A 173 25.61 23.61 -24.27
CA ILE A 173 25.16 22.66 -23.25
C ILE A 173 26.15 21.51 -23.13
N ASP A 174 26.68 21.31 -21.92
CA ASP A 174 27.52 20.15 -21.61
C ASP A 174 26.56 19.11 -21.04
N ASN A 176 27.07 15.96 -20.28
CA ASN A 176 27.64 15.12 -19.21
C ASN A 176 27.53 15.79 -17.85
N ALA A 177 27.77 17.09 -17.83
CA ALA A 177 27.71 17.87 -16.59
C ALA A 177 26.35 17.71 -15.94
N ILE A 178 25.31 17.72 -16.76
CA ILE A 178 23.93 17.58 -16.29
C ILE A 178 23.75 16.15 -15.73
N VAL A 179 24.23 15.15 -16.45
CA VAL A 179 24.15 13.77 -15.95
C VAL A 179 24.82 13.66 -14.59
N GLN A 180 26.03 14.21 -14.47
CA GLN A 180 26.78 14.10 -13.23
C GLN A 180 26.12 14.91 -12.12
N TRP A 181 25.47 16.02 -12.47
CA TRP A 181 24.72 16.78 -11.48
C TRP A 181 23.66 15.89 -10.84
N VAL A 182 22.87 15.21 -11.67
CA VAL A 182 21.85 14.31 -11.17
C VAL A 182 22.48 13.12 -10.43
N ARG A 183 23.50 12.52 -11.04
N ARG A 183 23.50 12.54 -11.05
CA ARG A 183 24.16 11.35 -10.46
CA ARG A 183 24.21 11.39 -10.51
C ARG A 183 24.77 11.66 -9.08
C ARG A 183 24.79 11.65 -9.12
N GLN A 184 25.27 12.87 -8.89
CA GLN A 184 25.80 13.27 -7.59
C GLN A 184 24.68 13.32 -6.57
N HIS A 185 23.52 13.83 -6.97
CA HIS A 185 22.35 13.86 -6.08
C HIS A 185 21.79 12.46 -5.80
N LEU A 186 21.97 11.53 -6.74
CA LEU A 186 21.59 10.13 -6.51
C LEU A 186 22.51 9.50 -5.46
N GLN A 187 23.81 9.76 -5.60
CA GLN A 187 24.79 9.30 -4.62
C GLN A 187 24.51 9.91 -3.25
N SER A 188 24.08 11.17 -3.24
CA SER A 188 23.74 11.87 -2.00
C SER A 188 22.55 11.24 -1.26
N GLY A 189 21.64 10.63 -2.01
CA GLY A 189 20.44 10.02 -1.44
C GLY A 189 20.49 8.51 -1.26
N THR A 190 21.63 7.89 -1.58
CA THR A 190 21.79 6.43 -1.46
C THR A 190 21.74 5.94 -0.01
N GLY B 1 24.78 -3.76 -12.19
CA GLY B 1 25.65 -4.76 -12.89
C GLY B 1 25.30 -4.95 -14.36
N GLN B 3 24.30 -7.90 -15.68
CA GLN B 3 23.47 -9.09 -15.86
C GLN B 3 22.32 -8.76 -16.78
N THR B 4 21.94 -9.75 -17.58
CA THR B 4 20.72 -9.65 -18.37
C THR B 4 19.51 -9.71 -17.42
N PRO B 5 18.55 -8.78 -17.55
CA PRO B 5 17.38 -8.84 -16.70
C PRO B 5 16.43 -9.97 -17.05
N ALA B 6 15.62 -10.37 -16.08
CA ALA B 6 14.63 -11.40 -16.33
C ALA B 6 13.31 -10.77 -16.76
N LEU B 7 12.62 -11.45 -17.66
CA LEU B 7 11.27 -11.04 -18.05
C LEU B 7 10.36 -12.21 -17.69
N ILE B 8 9.47 -11.97 -16.71
CA ILE B 8 8.58 -13.00 -16.21
C ILE B 8 7.24 -12.80 -16.88
N ILE B 9 6.86 -13.79 -17.71
CA ILE B 9 5.65 -13.74 -18.46
C ILE B 9 4.61 -14.60 -17.77
N VAL B 10 3.52 -13.97 -17.37
CA VAL B 10 2.38 -14.68 -16.80
C VAL B 10 1.23 -14.66 -17.79
N THR B 11 0.87 -15.86 -18.24
CA THR B 11 -0.16 -15.99 -19.27
C THR B 11 -1.27 -16.92 -18.80
N GLY B 12 -2.36 -16.97 -19.57
CA GLY B 12 -3.50 -17.78 -19.24
C GLY B 12 -4.70 -17.20 -19.91
N HIS B 13 -5.72 -18.01 -20.10
CA HIS B 13 -6.99 -17.49 -20.55
C HIS B 13 -7.62 -16.57 -19.46
N PRO B 14 -8.56 -15.69 -19.85
CA PRO B 14 -9.24 -14.89 -18.84
C PRO B 14 -9.85 -15.74 -17.70
N ALA B 15 -9.66 -15.24 -16.48
CA ALA B 15 -10.17 -15.86 -15.25
C ALA B 15 -9.40 -17.09 -14.75
N THR B 16 -8.25 -17.41 -15.35
CA THR B 16 -7.45 -18.56 -14.90
C THR B 16 -6.61 -18.33 -13.63
N GLY B 17 -6.63 -17.11 -13.09
CA GLY B 17 -5.86 -16.77 -11.90
C GLY B 17 -4.60 -15.96 -12.17
N LYS B 18 -4.34 -15.68 -13.44
CA LYS B 18 -3.14 -14.92 -13.80
C LYS B 18 -3.04 -13.55 -13.14
N THR B 19 -4.17 -12.89 -12.92
CA THR B 19 -4.12 -11.58 -12.27
C THR B 19 -3.60 -11.72 -10.84
N THR B 20 -4.24 -12.58 -10.06
CA THR B 20 -3.84 -12.76 -8.66
C THR B 20 -2.41 -13.25 -8.52
N LEU B 21 -2.07 -14.24 -9.34
CA LEU B 21 -0.76 -14.82 -9.35
C LEU B 21 0.34 -13.81 -9.72
N SER B 22 0.10 -13.02 -10.77
CA SER B 22 1.09 -12.04 -11.16
C SER B 22 1.28 -10.98 -10.07
N GLN B 23 0.20 -10.60 -9.39
CA GLN B 23 0.28 -9.64 -8.30
C GLN B 23 1.07 -10.20 -7.09
N ALA B 24 0.84 -11.47 -6.79
CA ALA B 24 1.59 -12.18 -5.76
C ALA B 24 3.09 -12.27 -6.10
N LEU B 25 3.41 -12.43 -7.37
CA LEU B 25 4.79 -12.44 -7.83
C LEU B 25 5.40 -11.05 -7.69
N ALA B 26 4.63 -10.02 -8.00
CA ALA B 26 5.17 -8.67 -7.93
C ALA B 26 5.51 -8.36 -6.46
N THR B 27 4.62 -8.75 -5.55
CA THR B 27 4.84 -8.53 -4.11
C THR B 27 5.95 -9.41 -3.57
N GLY B 28 5.97 -10.66 -4.01
CA GLY B 28 6.96 -11.65 -3.55
C GLY B 28 8.38 -11.46 -4.06
N LEU B 29 8.51 -10.89 -5.26
CA LEU B 29 9.83 -10.66 -5.88
C LEU B 29 10.21 -9.17 -5.89
N ARG B 30 9.30 -8.30 -5.43
CA ARG B 30 9.50 -6.86 -5.45
C ARG B 30 9.88 -6.38 -6.85
N LEU B 31 9.04 -6.72 -7.82
CA LEU B 31 9.27 -6.35 -9.23
C LEU B 31 8.10 -5.57 -9.79
N PRO B 32 8.37 -4.73 -10.81
CA PRO B 32 7.31 -4.01 -11.49
C PRO B 32 6.41 -4.98 -12.23
N LEU B 33 5.12 -4.62 -12.28
CA LEU B 33 4.12 -5.43 -12.95
C LEU B 33 3.37 -4.63 -14.00
N LEU B 34 3.43 -5.10 -15.24
CA LEU B 34 2.67 -4.51 -16.33
C LEU B 34 1.60 -5.48 -16.77
N SER B 35 0.34 -5.08 -16.65
CA SER B 35 -0.81 -5.93 -16.93
C SER B 35 -1.65 -5.35 -18.06
N LYS B 36 -2.01 -6.15 -19.06
CA LYS B 36 -2.78 -5.63 -20.18
C LYS B 36 -4.09 -5.03 -19.69
N ASP B 37 -4.82 -5.76 -18.86
CA ASP B 37 -6.13 -5.30 -18.39
C ASP B 37 -6.02 -4.05 -17.52
N ALA B 38 -4.97 -3.95 -16.71
CA ALA B 38 -4.77 -2.73 -15.90
C ALA B 38 -4.56 -1.50 -16.82
N PHE B 39 -3.79 -1.68 -17.88
CA PHE B 39 -3.54 -0.62 -18.85
C PHE B 39 -4.85 -0.24 -19.57
N LYS B 40 -5.66 -1.25 -19.92
CA LYS B 40 -6.93 -1.02 -20.59
C LYS B 40 -7.83 -0.16 -19.70
N GLU B 41 -7.86 -0.50 -18.42
CA GLU B 41 -8.69 0.24 -17.46
C GLU B 41 -8.27 1.71 -17.29
N VAL B 42 -6.96 1.96 -17.30
CA VAL B 42 -6.48 3.34 -17.26
C VAL B 42 -7.01 4.06 -18.53
N PHE B 44 -9.74 3.24 -20.38
CA PHE B 44 -11.19 3.40 -20.34
C PHE B 44 -11.55 4.59 -19.44
N ASP B 45 -10.83 4.73 -18.33
CA ASP B 45 -11.07 5.87 -17.43
C ASP B 45 -10.71 7.23 -18.06
N GLY B 46 -9.64 7.29 -18.84
CA GLY B 46 -9.25 8.52 -19.47
C GLY B 46 -9.97 8.87 -20.76
N LEU B 47 -10.38 7.87 -21.54
CA LEU B 47 -11.00 8.09 -22.85
C LEU B 47 -12.45 7.65 -22.96
N GLY B 48 -12.95 6.93 -21.97
CA GLY B 48 -14.31 6.41 -21.99
C GLY B 48 -14.37 5.00 -22.51
N TRP B 49 -15.53 4.39 -22.38
CA TRP B 49 -15.74 3.03 -22.89
C TRP B 49 -17.10 2.98 -23.58
N SER B 50 -17.37 1.89 -24.30
CA SER B 50 -18.62 1.77 -25.03
C SER B 50 -18.99 0.33 -25.34
N ASP B 51 -18.36 -0.24 -26.38
CA ASP B 51 -18.74 -1.55 -26.87
C ASP B 51 -17.53 -2.47 -27.02
N ARG B 52 -17.78 -3.69 -27.47
CA ARG B 52 -16.74 -4.69 -27.57
C ARG B 52 -15.64 -4.29 -28.57
N GLU B 53 -16.01 -3.66 -29.68
CA GLU B 53 -15.04 -3.23 -30.70
C GLU B 53 -14.07 -2.18 -30.12
N TRP B 54 -14.58 -1.28 -29.30
CA TRP B 54 -13.74 -0.27 -28.65
C TRP B 54 -12.80 -0.96 -27.64
N SER B 55 -13.35 -1.93 -26.90
CA SER B 55 -12.56 -2.72 -25.96
C SER B 55 -11.40 -3.43 -26.67
N ARG B 56 -11.67 -3.97 -27.85
CA ARG B 56 -10.65 -4.64 -28.65
C ARG B 56 -9.57 -3.69 -29.10
N ARG B 57 -9.98 -2.49 -29.53
CA ARG B 57 -9.02 -1.49 -29.99
C ARG B 57 -8.19 -0.98 -28.82
N VAL B 58 -8.82 -0.76 -27.68
CA VAL B 58 -8.09 -0.34 -26.49
C VAL B 58 -7.14 -1.45 -26.04
N GLY B 59 -7.57 -2.71 -26.15
CA GLY B 59 -6.73 -3.86 -25.80
C GLY B 59 -5.49 -3.96 -26.69
N ALA B 60 -5.65 -3.78 -28.00
CA ALA B 60 -4.53 -3.79 -28.94
C ALA B 60 -3.54 -2.67 -28.59
N THR B 61 -4.08 -1.54 -28.16
CA THR B 61 -3.28 -0.38 -27.80
C THR B 61 -2.56 -0.64 -26.47
N ALA B 62 -3.29 -1.21 -25.52
CA ALA B 62 -2.69 -1.58 -24.22
C ALA B 62 -1.52 -2.53 -24.40
N ILE B 63 -1.66 -3.50 -25.30
CA ILE B 63 -0.57 -4.43 -25.59
C ILE B 63 0.67 -3.69 -26.11
N LEU B 66 2.29 -2.03 -23.25
CA LEU B 66 2.97 -3.04 -22.44
C LEU B 66 4.41 -3.25 -22.97
N TYR B 67 4.54 -3.47 -24.27
CA TYR B 67 5.86 -3.67 -24.89
C TYR B 67 6.73 -2.40 -24.86
N HIS B 68 6.11 -1.23 -25.00
CA HIS B 68 6.83 0.04 -24.96
C HIS B 68 7.46 0.26 -23.57
N THR B 69 6.64 0.03 -22.55
CA THR B 69 7.06 0.27 -21.17
C THR B 69 8.07 -0.81 -20.77
N ALA B 70 7.82 -2.03 -21.18
CA ALA B 70 8.77 -3.13 -20.89
C ALA B 70 10.17 -2.85 -21.40
N ALA B 71 10.27 -2.27 -22.57
CA ALA B 71 11.57 -2.05 -23.19
C ALA B 71 12.40 -1.10 -22.36
N THR B 72 11.79 -0.02 -21.89
CA THR B 72 12.60 0.95 -21.15
C THR B 72 13.01 0.41 -19.77
N ILE B 73 12.18 -0.44 -19.17
CA ILE B 73 12.52 -1.07 -17.87
C ILE B 73 13.65 -2.06 -18.06
N LEU B 74 13.51 -2.92 -19.07
CA LEU B 74 14.55 -3.91 -19.37
C LEU B 74 15.88 -3.28 -19.76
N GLN B 75 15.81 -2.18 -20.53
CA GLN B 75 17.02 -1.45 -20.94
C GLN B 75 17.79 -0.87 -19.74
N SER B 76 17.10 -0.59 -18.64
CA SER B 76 17.74 -0.10 -17.40
C SER B 76 18.37 -1.24 -16.58
N GLY B 77 18.12 -2.48 -16.98
CA GLY B 77 18.67 -3.65 -16.32
C GLY B 77 17.80 -4.24 -15.23
N GLN B 78 16.55 -3.78 -15.17
CA GLN B 78 15.61 -4.20 -14.15
C GLN B 78 14.73 -5.28 -14.73
N SER B 79 14.46 -6.29 -13.90
CA SER B 79 13.57 -7.37 -14.25
C SER B 79 12.12 -6.92 -14.06
N LEU B 80 11.19 -7.62 -14.70
CA LEU B 80 9.80 -7.23 -14.61
C LEU B 80 8.86 -8.37 -14.96
N ILE B 81 7.61 -8.19 -14.58
CA ILE B 81 6.54 -9.14 -14.83
C ILE B 81 5.56 -8.52 -15.82
N GLU B 83 1.84 -9.44 -17.66
CA GLU B 83 0.69 -10.32 -17.56
C GLU B 83 -0.37 -9.98 -18.60
N SER B 84 -0.78 -11.00 -19.36
CA SER B 84 -1.86 -10.87 -20.34
C SER B 84 -2.28 -12.26 -20.77
N ASN B 85 -3.36 -12.34 -21.55
CA ASN B 85 -3.69 -13.58 -22.23
C ASN B 85 -2.94 -13.55 -23.56
N PHE B 86 -1.64 -13.82 -23.51
CA PHE B 86 -0.78 -13.70 -24.68
C PHE B 86 -1.15 -14.70 -25.79
N ARG B 87 -0.98 -14.26 -27.03
CA ARG B 87 -1.30 -15.06 -28.21
C ARG B 87 -0.03 -15.46 -28.91
N VAL B 88 0.18 -16.76 -29.13
CA VAL B 88 1.35 -17.24 -29.81
C VAL B 88 1.50 -16.60 -31.19
N ASP B 89 0.39 -16.50 -31.92
CA ASP B 89 0.46 -16.05 -33.29
C ASP B 89 0.99 -14.65 -33.48
N LEU B 90 0.73 -13.76 -32.51
CA LEU B 90 1.20 -12.37 -32.59
C LEU B 90 2.29 -12.00 -31.57
N ASP B 91 2.18 -12.50 -30.34
CA ASP B 91 3.14 -12.12 -29.31
C ASP B 91 4.50 -12.79 -29.40
N THR B 92 4.61 -13.90 -30.13
CA THR B 92 5.93 -14.49 -30.31
C THR B 92 6.88 -13.50 -31.00
N GLU B 93 6.42 -12.87 -32.10
CA GLU B 93 7.28 -11.93 -32.82
C GLU B 93 7.42 -10.63 -32.03
N ARG B 94 6.38 -10.22 -31.29
CA ARG B 94 6.56 -9.03 -30.47
C ARG B 94 7.63 -9.23 -29.40
N GLN B 96 10.17 -11.34 -29.67
CA GLN B 96 11.44 -11.33 -30.39
C GLN B 96 11.93 -9.92 -30.67
N ASN B 97 11.03 -9.06 -31.10
CA ASN B 97 11.33 -7.67 -31.37
C ASN B 97 11.75 -6.93 -30.10
N LEU B 98 11.09 -7.22 -28.99
CA LEU B 98 11.47 -6.68 -27.69
C LEU B 98 12.88 -7.09 -27.33
N HIS B 99 13.19 -8.39 -27.49
CA HIS B 99 14.50 -8.94 -27.14
C HIS B 99 15.64 -8.27 -27.90
N THR B 100 15.42 -7.97 -29.18
CA THR B 100 16.39 -7.27 -30.01
C THR B 100 16.80 -5.91 -29.46
N ILE B 101 15.86 -5.17 -28.88
CA ILE B 101 16.18 -3.84 -28.33
C ILE B 101 16.41 -3.81 -26.82
N ALA B 102 15.99 -4.87 -26.15
CA ALA B 102 16.04 -4.93 -24.70
C ALA B 102 16.16 -6.38 -24.27
N PRO B 103 17.37 -6.95 -24.36
CA PRO B 103 17.60 -8.34 -24.03
C PRO B 103 17.12 -8.75 -22.64
N PHE B 104 16.54 -9.94 -22.56
CA PHE B 104 15.97 -10.45 -21.34
C PHE B 104 16.11 -11.96 -21.37
N THR B 105 16.00 -12.53 -20.18
CA THR B 105 15.94 -13.97 -19.99
C THR B 105 14.53 -14.31 -19.56
N PRO B 106 13.78 -15.08 -20.38
CA PRO B 106 12.38 -15.38 -20.09
C PRO B 106 12.13 -16.46 -19.06
N ILE B 107 11.11 -16.23 -18.23
CA ILE B 107 10.59 -17.20 -17.29
C ILE B 107 9.08 -17.12 -17.49
N GLN B 108 8.41 -18.24 -17.70
CA GLN B 108 7.00 -18.20 -18.05
C GLN B 108 6.14 -19.04 -17.13
N ILE B 109 5.05 -18.44 -16.67
CA ILE B 109 4.03 -19.12 -15.86
C ILE B 109 2.70 -19.06 -16.61
N ARG B 110 2.14 -20.24 -16.86
CA ARG B 110 0.87 -20.36 -17.55
C ARG B 110 -0.19 -20.82 -16.56
N CYS B 111 -1.26 -20.06 -16.46
CA CYS B 111 -2.36 -20.43 -15.59
C CYS B 111 -3.43 -21.12 -16.39
N VAL B 112 -4.06 -22.13 -15.80
CA VAL B 112 -5.11 -22.89 -16.45
C VAL B 112 -6.18 -23.21 -15.40
N ALA B 113 -7.39 -23.52 -15.85
CA ALA B 113 -8.45 -24.00 -14.96
C ALA B 113 -9.55 -24.65 -15.76
N SER B 114 -10.40 -25.39 -15.07
CA SER B 114 -11.48 -26.11 -15.74
C SER B 114 -12.49 -25.14 -16.31
N GLY B 115 -13.11 -25.55 -17.41
CA GLY B 115 -14.14 -24.73 -18.06
C GLY B 115 -15.26 -24.34 -17.11
N ASP B 116 -15.75 -25.29 -16.31
CA ASP B 116 -16.80 -25.00 -15.33
C ASP B 116 -16.37 -23.92 -14.35
N VAL B 117 -15.16 -24.03 -13.82
CA VAL B 117 -14.65 -23.03 -12.88
C VAL B 117 -14.50 -21.68 -13.56
N LEU B 118 -13.98 -21.65 -14.79
CA LEU B 118 -13.80 -20.41 -15.51
C LEU B 118 -15.16 -19.73 -15.74
N VAL B 119 -16.17 -20.52 -16.09
CA VAL B 119 -17.50 -19.94 -16.34
C VAL B 119 -18.05 -19.31 -15.05
N GLU B 120 -17.92 -20.01 -13.93
CA GLU B 120 -18.36 -19.46 -12.62
C GLU B 120 -17.69 -18.12 -12.31
N ARG B 121 -16.38 -18.03 -12.54
CA ARG B 121 -15.63 -16.83 -12.24
C ARG B 121 -16.00 -15.67 -13.13
N ILE B 122 -16.08 -15.93 -14.42
CA ILE B 122 -16.45 -14.88 -15.37
C ILE B 122 -17.78 -14.26 -14.97
N LEU B 123 -18.76 -15.11 -14.70
CA LEU B 123 -20.10 -14.66 -14.33
C LEU B 123 -20.13 -13.86 -13.03
N SER B 124 -19.53 -14.41 -11.97
CA SER B 124 -19.52 -13.74 -10.67
C SER B 124 -18.75 -12.42 -10.70
N ARG B 125 -17.62 -12.37 -11.40
CA ARG B 125 -16.83 -11.14 -11.49
C ARG B 125 -17.59 -10.02 -12.18
N ILE B 126 -18.37 -10.37 -13.20
CA ILE B 126 -19.18 -9.40 -13.93
C ILE B 126 -20.40 -9.00 -13.10
N ALA B 127 -21.02 -9.98 -12.42
CA ALA B 127 -22.16 -9.70 -11.56
C ALA B 127 -21.77 -8.83 -10.37
N GLN B 128 -20.67 -9.18 -9.71
CA GLN B 128 -20.21 -8.45 -8.53
C GLN B 128 -19.40 -7.18 -8.86
N GLY B 129 -19.25 -6.85 -10.14
CA GLY B 129 -18.59 -5.62 -10.54
C GLY B 129 -17.09 -5.53 -10.30
N ALA B 130 -16.46 -6.67 -9.99
CA ALA B 130 -15.01 -6.71 -9.85
C ALA B 130 -14.35 -6.36 -11.19
N ARG B 131 -15.04 -6.67 -12.27
CA ARG B 131 -14.58 -6.43 -13.63
C ARG B 131 -15.02 -5.04 -14.13
N HIS B 132 -14.07 -4.24 -14.63
CA HIS B 132 -14.37 -2.92 -15.17
C HIS B 132 -15.39 -3.11 -16.31
N PRO B 133 -16.46 -2.29 -16.34
CA PRO B 133 -17.50 -2.50 -17.35
C PRO B 133 -17.04 -2.25 -18.79
N GLY B 134 -15.99 -1.46 -19.00
CA GLY B 134 -15.54 -1.12 -20.34
C GLY B 134 -15.00 -2.29 -21.15
N HIS B 135 -14.65 -3.37 -20.46
CA HIS B 135 -14.09 -4.56 -21.10
C HIS B 135 -15.11 -5.21 -22.03
N CYS B 136 -16.39 -5.03 -21.68
CA CYS B 136 -17.48 -5.56 -22.50
C CYS B 136 -17.21 -7.02 -22.79
N ASP B 137 -16.95 -7.78 -21.74
CA ASP B 137 -16.62 -9.18 -21.85
C ASP B 137 -17.76 -9.98 -22.43
N ASP B 138 -17.44 -10.72 -23.49
CA ASP B 138 -18.39 -11.60 -24.13
C ASP B 138 -18.87 -12.58 -23.06
N ARG B 139 -20.16 -12.46 -22.70
CA ARG B 139 -20.75 -13.25 -21.62
C ARG B 139 -22.05 -13.94 -22.03
N SER B 140 -22.27 -14.09 -23.34
CA SER B 140 -23.48 -14.72 -23.86
C SER B 140 -23.36 -16.23 -23.66
N PRO B 141 -24.49 -16.96 -23.84
CA PRO B 141 -24.44 -18.42 -23.72
C PRO B 141 -23.41 -19.07 -24.64
N ALA B 142 -23.30 -18.59 -25.88
CA ALA B 142 -22.31 -19.13 -26.80
C ALA B 142 -20.91 -18.85 -26.28
N ASP B 143 -20.66 -17.62 -25.86
CA ASP B 143 -19.37 -17.22 -25.30
C ASP B 143 -18.97 -18.14 -24.15
N LEU B 144 -19.90 -18.39 -23.23
CA LEU B 144 -19.64 -19.26 -22.10
C LEU B 144 -19.40 -20.72 -22.49
N GLU B 145 -20.08 -21.23 -23.52
CA GLU B 145 -19.82 -22.60 -23.98
C GLU B 145 -18.43 -22.66 -24.65
N LEU B 146 -18.05 -21.58 -25.35
CA LEU B 146 -16.68 -21.50 -25.90
C LEU B 146 -15.65 -21.48 -24.77
N VAL B 147 -15.90 -20.71 -23.72
CA VAL B 147 -15.04 -20.70 -22.55
C VAL B 147 -14.89 -22.10 -21.96
N ARG B 148 -16.04 -22.77 -21.86
CA ARG B 148 -16.15 -24.08 -21.24
C ARG B 148 -15.42 -25.19 -22.01
N SER B 149 -15.37 -25.08 -23.33
CA SER B 149 -14.76 -26.10 -24.19
C SER B 149 -13.41 -25.71 -24.79
N ARG B 150 -12.81 -24.64 -24.30
CA ARG B 150 -11.60 -24.08 -24.93
C ARG B 150 -10.29 -24.81 -24.66
N GLY B 151 -10.11 -25.37 -23.47
CA GLY B 151 -8.81 -25.97 -23.16
C GLY B 151 -7.79 -24.89 -22.86
N ASP B 152 -6.58 -25.34 -22.55
CA ASP B 152 -5.56 -24.46 -22.01
C ASP B 152 -4.84 -23.58 -23.04
N ILE B 153 -4.51 -22.36 -22.64
CA ILE B 153 -3.88 -21.44 -23.55
C ILE B 153 -2.51 -21.97 -23.95
N PRO B 154 -2.18 -21.90 -25.25
CA PRO B 154 -0.82 -22.29 -25.60
C PRO B 154 0.21 -21.27 -25.08
N PRO B 155 1.33 -21.75 -24.51
CA PRO B 155 2.30 -20.83 -23.98
C PRO B 155 3.14 -20.21 -25.08
N LEU B 156 3.83 -19.10 -24.79
CA LEU B 156 4.68 -18.52 -25.82
C LEU B 156 5.95 -19.35 -25.98
N PRO B 157 6.38 -19.59 -27.20
CA PRO B 157 7.56 -20.42 -27.40
C PRO B 157 8.87 -19.62 -27.27
N LEU B 158 9.16 -19.17 -26.05
CA LEU B 158 10.25 -18.23 -25.79
C LEU B 158 11.56 -18.90 -25.37
N GLY B 159 11.49 -20.19 -25.09
CA GLY B 159 12.61 -20.85 -24.48
C GLY B 159 12.52 -20.51 -23.02
N GLY B 160 13.40 -21.09 -22.24
CA GLY B 160 13.37 -20.82 -20.83
C GLY B 160 12.33 -21.66 -20.13
N PRO B 161 12.34 -21.59 -18.81
CA PRO B 161 11.46 -22.41 -18.00
C PRO B 161 9.99 -22.01 -18.14
N LEU B 162 9.13 -23.01 -17.97
CA LEU B 162 7.69 -22.83 -17.99
C LEU B 162 7.07 -23.59 -16.83
N LEU B 163 6.22 -22.93 -16.06
CA LEU B 163 5.46 -23.56 -14.99
C LEU B 163 4.02 -23.41 -15.34
N THR B 164 3.26 -24.50 -15.27
CA THR B 164 1.79 -24.41 -15.42
C THR B 164 1.13 -24.59 -14.08
N VAL B 165 0.26 -23.63 -13.77
CA VAL B 165 -0.45 -23.58 -12.51
C VAL B 165 -1.97 -23.75 -12.74
N ASP B 166 -2.51 -24.87 -12.28
CA ASP B 166 -3.93 -25.15 -12.37
C ASP B 166 -4.63 -24.60 -11.12
N THR B 167 -5.47 -23.60 -11.34
CA THR B 167 -6.17 -22.93 -10.24
C THR B 167 -7.63 -23.39 -10.07
N THR B 168 -7.97 -24.53 -10.66
CA THR B 168 -9.32 -25.07 -10.53
C THR B 168 -9.74 -25.17 -9.07
N PHE B 169 -8.83 -25.67 -8.24
CA PHE B 169 -9.04 -25.77 -6.79
C PHE B 169 -8.04 -24.87 -6.07
N PRO B 170 -8.41 -23.60 -5.82
CA PRO B 170 -7.49 -22.60 -5.26
C PRO B 170 -6.83 -22.98 -3.93
N GLU B 171 -7.54 -23.73 -3.09
CA GLU B 171 -7.02 -24.18 -1.80
C GLU B 171 -5.73 -25.00 -1.95
N GLN B 172 -5.55 -25.65 -3.10
CA GLN B 172 -4.39 -26.49 -3.33
C GLN B 172 -3.17 -25.70 -3.78
N ILE B 173 -3.38 -24.42 -4.10
CA ILE B 173 -2.31 -23.55 -4.60
C ILE B 173 -1.51 -22.97 -3.44
N ASP B 174 -0.20 -23.21 -3.47
CA ASP B 174 0.70 -22.61 -2.49
C ASP B 174 1.44 -21.49 -3.22
N ASN B 176 3.50 -19.19 -2.20
CA ASN B 176 4.93 -19.01 -1.95
C ASN B 176 5.75 -20.01 -2.72
N ALA B 177 5.21 -21.22 -2.91
CA ALA B 177 5.94 -22.23 -3.68
C ALA B 177 6.16 -21.72 -5.11
N ILE B 178 5.14 -21.07 -5.66
CA ILE B 178 5.21 -20.53 -7.02
C ILE B 178 6.23 -19.39 -7.05
N VAL B 179 6.19 -18.49 -6.07
CA VAL B 179 7.19 -17.43 -5.99
C VAL B 179 8.60 -18.03 -5.88
N GLN B 180 8.78 -19.04 -5.03
CA GLN B 180 10.10 -19.69 -4.88
C GLN B 180 10.60 -20.34 -6.17
N TRP B 181 9.69 -20.97 -6.91
CA TRP B 181 10.02 -21.52 -8.22
C TRP B 181 10.64 -20.46 -9.13
N VAL B 182 10.00 -19.30 -9.22
CA VAL B 182 10.54 -18.16 -9.98
C VAL B 182 11.89 -17.70 -9.39
N ARG B 183 11.98 -17.55 -8.07
CA ARG B 183 13.24 -17.11 -7.45
C ARG B 183 14.39 -18.02 -7.82
N GLN B 184 14.18 -19.34 -7.74
CA GLN B 184 15.23 -20.29 -8.07
C GLN B 184 15.71 -20.02 -9.48
N HIS B 185 14.76 -19.87 -10.40
CA HIS B 185 15.10 -19.59 -11.79
C HIS B 185 15.75 -18.20 -12.03
N LEU B 186 15.37 -17.20 -11.23
CA LEU B 186 16.04 -15.89 -11.29
C LEU B 186 17.48 -16.00 -10.79
N GLN B 187 17.68 -16.83 -9.76
CA GLN B 187 18.99 -17.04 -9.14
C GLN B 187 20.00 -17.58 -10.16
N SER B 188 19.56 -18.55 -10.97
CA SER B 188 20.42 -19.12 -12.01
C SER B 188 20.80 -18.09 -13.08
N GLY C 1 -3.90 -23.41 11.19
CA GLY C 1 -4.62 -24.50 11.91
C GLY C 1 -4.53 -24.32 13.41
N GLN C 3 -1.23 -24.22 14.88
CA GLN C 3 0.16 -23.89 15.12
C GLN C 3 0.24 -22.62 15.98
N THR C 4 1.28 -22.54 16.80
CA THR C 4 1.52 -21.34 17.61
C THR C 4 1.88 -20.24 16.64
N PRO C 5 1.29 -19.04 16.80
CA PRO C 5 1.63 -18.00 15.85
C PRO C 5 3.04 -17.49 16.05
N ALA C 6 3.58 -16.82 15.04
CA ALA C 6 4.91 -16.26 15.12
C ALA C 6 4.80 -14.82 15.50
N LEU C 7 5.67 -14.36 16.40
CA LEU C 7 5.74 -12.93 16.71
C LEU C 7 7.06 -12.46 16.12
N ILE C 8 6.98 -11.59 15.12
CA ILE C 8 8.16 -11.10 14.45
C ILE C 8 8.50 -9.73 15.02
N ILE C 9 9.62 -9.67 15.73
CA ILE C 9 10.04 -8.46 16.38
C ILE C 9 11.12 -7.79 15.56
N VAL C 10 10.86 -6.56 15.15
CA VAL C 10 11.84 -5.77 14.42
C VAL C 10 12.31 -4.63 15.32
N THR C 11 13.60 -4.66 15.67
CA THR C 11 14.17 -3.69 16.59
C THR C 11 15.37 -2.98 15.98
N GLY C 12 15.83 -1.94 16.66
CA GLY C 12 16.94 -1.11 16.18
C GLY C 12 16.80 0.26 16.80
N HIS C 13 17.90 1.02 16.88
CA HIS C 13 17.81 2.41 17.30
C HIS C 13 17.08 3.25 16.25
N PRO C 14 16.59 4.44 16.63
CA PRO C 14 15.95 5.27 15.60
C PRO C 14 16.84 5.59 14.40
N ALA C 15 16.22 5.54 13.22
CA ALA C 15 16.88 5.77 11.92
C ALA C 15 17.72 4.61 11.41
N THR C 16 17.66 3.46 12.08
CA THR C 16 18.39 2.28 11.61
C THR C 16 17.71 1.57 10.43
N GLY C 17 16.53 2.04 10.03
CA GLY C 17 15.78 1.44 8.92
C GLY C 17 14.73 0.42 9.30
N LYS C 18 14.52 0.23 10.60
CA LYS C 18 13.51 -0.71 11.08
C LYS C 18 12.11 -0.42 10.53
N THR C 19 11.80 0.85 10.28
CA THR C 19 10.51 1.24 9.75
C THR C 19 10.28 0.66 8.36
N THR C 20 11.17 1.00 7.42
CA THR C 20 11.07 0.55 6.03
C THR C 20 11.12 -0.97 5.99
N LEU C 21 12.03 -1.55 6.76
CA LEU C 21 12.22 -2.98 6.78
C LEU C 21 10.98 -3.70 7.29
N SER C 22 10.39 -3.23 8.39
CA SER C 22 9.17 -3.86 8.93
C SER C 22 7.99 -3.75 7.95
N GLN C 23 7.90 -2.64 7.24
CA GLN C 23 6.84 -2.45 6.24
C GLN C 23 7.03 -3.41 5.04
N ALA C 24 8.27 -3.59 4.60
CA ALA C 24 8.57 -4.54 3.55
C ALA C 24 8.19 -5.97 3.96
N LEU C 25 8.47 -6.32 5.21
CA LEU C 25 8.11 -7.64 5.74
C LEU C 25 6.61 -7.80 5.78
N ALA C 26 5.91 -6.77 6.20
CA ALA C 26 4.46 -6.82 6.34
C ALA C 26 3.80 -7.05 4.98
N THR C 27 4.29 -6.35 3.98
CA THR C 27 3.80 -6.47 2.62
C THR C 27 4.17 -7.81 1.98
N GLY C 28 5.41 -8.23 2.18
CA GLY C 28 5.91 -9.46 1.58
C GLY C 28 5.34 -10.73 2.20
N LEU C 29 5.07 -10.67 3.50
CA LEU C 29 4.56 -11.82 4.23
C LEU C 29 3.05 -11.72 4.42
N ARG C 30 2.49 -10.55 4.09
CA ARG C 30 1.06 -10.24 4.23
C ARG C 30 0.63 -10.43 5.70
N LEU C 31 1.30 -9.70 6.59
CA LEU C 31 1.07 -9.80 8.03
C LEU C 31 0.77 -8.43 8.60
N PRO C 32 0.03 -8.40 9.72
CA PRO C 32 -0.22 -7.12 10.35
C PRO C 32 1.06 -6.54 10.93
N LEU C 33 1.08 -5.21 10.99
CA LEU C 33 2.24 -4.48 11.46
C LEU C 33 1.81 -3.51 12.55
N LEU C 34 2.37 -3.69 13.74
CA LEU C 34 2.18 -2.77 14.86
C LEU C 34 3.48 -2.00 15.08
N SER C 35 3.45 -0.70 14.87
CA SER C 35 4.63 0.16 15.01
C SER C 35 4.44 1.18 16.13
N LYS C 36 5.38 1.28 17.06
CA LYS C 36 5.29 2.27 18.15
C LYS C 36 5.09 3.68 17.59
N ASP C 37 5.93 4.09 16.65
CA ASP C 37 5.83 5.44 16.14
C ASP C 37 4.50 5.73 15.41
N ALA C 38 3.96 4.72 14.71
CA ALA C 38 2.68 4.87 14.03
C ALA C 38 1.57 5.12 15.05
N PHE C 39 1.59 4.37 16.15
CA PHE C 39 0.63 4.52 17.25
C PHE C 39 0.80 5.91 17.86
N LYS C 40 2.04 6.34 18.07
CA LYS C 40 2.30 7.68 18.62
C LYS C 40 1.64 8.76 17.78
N GLU C 41 1.78 8.67 16.46
CA GLU C 41 1.20 9.65 15.54
C GLU C 41 -0.31 9.70 15.61
N VAL C 42 -0.97 8.56 15.77
CA VAL C 42 -2.41 8.56 15.94
C VAL C 42 -2.78 9.31 17.21
N PHE C 44 -0.96 11.66 18.85
CA PHE C 44 -0.72 13.09 18.68
C PHE C 44 -1.86 13.77 17.93
N ASP C 45 -2.34 13.14 16.85
CA ASP C 45 -3.44 13.73 16.09
C ASP C 45 -4.72 13.81 16.90
N GLY C 46 -4.95 12.85 17.79
CA GLY C 46 -6.14 12.83 18.60
C GLY C 46 -6.07 13.60 19.91
N LEU C 47 -4.91 13.58 20.55
CA LEU C 47 -4.74 14.18 21.87
C LEU C 47 -4.02 15.53 21.88
N GLY C 48 -3.32 15.81 20.79
CA GLY C 48 -2.51 17.02 20.66
C GLY C 48 -1.05 16.64 20.88
N TRP C 49 -0.14 17.55 20.58
CA TRP C 49 1.27 17.35 20.86
C TRP C 49 1.82 18.62 21.48
N SER C 50 3.03 18.54 22.02
CA SER C 50 3.62 19.64 22.76
C SER C 50 5.15 19.58 22.75
N ASP C 51 5.72 18.90 23.74
CA ASP C 51 7.14 18.87 23.95
C ASP C 51 7.66 17.44 24.06
N ARG C 52 8.95 17.28 24.33
CA ARG C 52 9.59 15.98 24.47
C ARG C 52 8.99 15.14 25.61
N GLU C 53 8.63 15.79 26.71
CA GLU C 53 8.04 15.10 27.86
C GLU C 53 6.73 14.42 27.44
N TRP C 54 5.88 15.16 26.75
CA TRP C 54 4.63 14.61 26.27
C TRP C 54 4.90 13.47 25.29
N SER C 55 5.88 13.66 24.41
CA SER C 55 6.24 12.65 23.42
C SER C 55 6.68 11.35 24.09
N ARG C 56 7.43 11.47 25.18
CA ARG C 56 7.86 10.32 25.98
C ARG C 56 6.66 9.59 26.60
N ARG C 57 5.76 10.35 27.20
CA ARG C 57 4.56 9.76 27.82
C ARG C 57 3.71 9.02 26.78
N VAL C 58 3.52 9.67 25.63
CA VAL C 58 2.77 9.11 24.52
C VAL C 58 3.43 7.83 24.01
N GLY C 59 4.77 7.87 23.93
CA GLY C 59 5.56 6.69 23.52
C GLY C 59 5.38 5.52 24.46
N ALA C 60 5.42 5.77 25.77
CA ALA C 60 5.20 4.71 26.78
C ALA C 60 3.81 4.11 26.64
N THR C 61 2.83 4.97 26.42
CA THR C 61 1.46 4.52 26.21
C THR C 61 1.34 3.75 24.89
N ALA C 62 2.03 4.22 23.85
CA ALA C 62 2.00 3.53 22.55
C ALA C 62 2.51 2.10 22.69
N ILE C 63 3.63 1.92 23.39
N ILE C 63 3.51 1.93 23.54
CA ILE C 63 4.20 0.59 23.53
CA ILE C 63 4.05 0.60 23.86
C ILE C 63 3.15 -0.29 24.19
C ILE C 63 3.02 -0.30 24.54
N LEU C 66 0.72 -1.44 21.88
CA LEU C 66 1.33 -2.50 21.05
C LEU C 66 1.14 -3.88 21.67
N TYR C 67 1.41 -3.99 22.97
CA TYR C 67 1.24 -5.26 23.67
C TYR C 67 -0.23 -5.66 23.81
N HIS C 68 -1.10 -4.68 23.99
CA HIS C 68 -2.53 -4.93 24.05
C HIS C 68 -3.03 -5.54 22.75
N THR C 69 -2.70 -4.86 21.64
CA THR C 69 -3.14 -5.29 20.33
C THR C 69 -2.50 -6.58 19.90
N ALA C 70 -1.22 -6.74 20.19
CA ALA C 70 -0.52 -7.98 19.89
C ALA C 70 -1.18 -9.18 20.55
N ALA C 71 -1.62 -9.03 21.80
CA ALA C 71 -2.25 -10.13 22.53
C ALA C 71 -3.49 -10.69 21.82
N THR C 72 -4.35 -9.80 21.34
CA THR C 72 -5.59 -10.26 20.70
C THR C 72 -5.34 -10.86 19.33
N ILE C 73 -4.32 -10.37 18.63
CA ILE C 73 -3.99 -10.91 17.32
C ILE C 73 -3.41 -12.29 17.50
N LEU C 74 -2.45 -12.40 18.41
CA LEU C 74 -1.82 -13.69 18.70
C LEU C 74 -2.81 -14.73 19.24
N GLN C 75 -3.73 -14.28 20.09
CA GLN C 75 -4.75 -15.16 20.64
C GLN C 75 -5.63 -15.77 19.53
N SER C 76 -5.80 -15.06 18.42
CA SER C 76 -6.57 -15.57 17.28
C SER C 76 -5.78 -16.56 16.40
N GLY C 77 -4.52 -16.81 16.75
CA GLY C 77 -3.69 -17.74 16.00
C GLY C 77 -2.95 -17.10 14.85
N GLN C 78 -3.03 -15.77 14.77
CA GLN C 78 -2.41 -15.01 13.69
C GLN C 78 -1.02 -14.44 14.03
N SER C 79 -0.10 -14.61 13.10
CA SER C 79 1.25 -14.07 13.24
C SER C 79 1.24 -12.57 12.98
N LEU C 80 2.18 -11.84 13.56
CA LEU C 80 2.26 -10.39 13.36
C LEU C 80 3.69 -9.88 13.53
N ILE C 81 3.89 -8.63 13.12
CA ILE C 81 5.16 -7.93 13.23
C ILE C 81 4.98 -6.75 14.19
N GLU C 83 7.23 -3.46 15.64
CA GLU C 83 8.41 -2.65 15.39
C GLU C 83 8.51 -1.52 16.42
N SER C 84 9.66 -1.46 17.08
CA SER C 84 9.98 -0.39 18.03
C SER C 84 11.48 -0.45 18.32
N ASN C 85 11.98 0.55 19.03
CA ASN C 85 13.34 0.51 19.58
C ASN C 85 13.20 -0.05 20.99
N PHE C 86 12.99 -1.36 21.04
CA PHE C 86 12.70 -2.09 22.27
C PHE C 86 13.85 -2.05 23.26
N ARG C 87 13.50 -2.02 24.53
CA ARG C 87 14.47 -1.88 25.60
C ARG C 87 14.55 -3.18 26.37
N VAL C 88 15.74 -3.78 26.42
CA VAL C 88 15.94 -5.05 27.16
C VAL C 88 15.42 -4.96 28.61
N ASP C 89 15.73 -3.86 29.29
CA ASP C 89 15.40 -3.71 30.71
C ASP C 89 13.90 -3.61 31.04
N LEU C 90 13.07 -3.27 30.05
CA LEU C 90 11.60 -3.24 30.22
C LEU C 90 10.86 -4.28 29.39
N ASP C 91 11.32 -4.50 28.16
CA ASP C 91 10.59 -5.32 27.21
C ASP C 91 10.82 -6.82 27.33
N THR C 92 11.86 -7.22 28.03
CA THR C 92 12.07 -8.64 28.28
C THR C 92 10.88 -9.18 29.08
N GLU C 93 10.53 -8.50 30.17
CA GLU C 93 9.41 -8.94 31.00
C GLU C 93 8.04 -8.80 30.33
N ARG C 94 7.86 -7.72 29.57
CA ARG C 94 6.61 -7.50 28.84
C ARG C 94 6.33 -8.59 27.81
N GLN C 96 7.65 -11.66 28.06
CA GLN C 96 7.35 -12.82 28.87
C GLN C 96 5.89 -12.81 29.29
N ASN C 97 5.41 -11.66 29.74
CA ASN C 97 4.01 -11.55 30.16
C ASN C 97 3.05 -11.76 29.01
N LEU C 98 3.42 -11.25 27.84
CA LEU C 98 2.63 -11.47 26.63
C LEU C 98 2.55 -12.95 26.30
N HIS C 99 3.70 -13.62 26.36
CA HIS C 99 3.74 -15.05 26.06
C HIS C 99 2.81 -15.85 26.97
N THR C 100 2.69 -15.45 28.22
CA THR C 100 1.79 -16.11 29.17
C THR C 100 0.34 -16.08 28.74
N ILE C 101 -0.14 -14.93 28.28
CA ILE C 101 -1.53 -14.81 27.85
C ILE C 101 -1.75 -15.09 26.34
N ALA C 102 -0.67 -15.10 25.57
CA ALA C 102 -0.77 -15.27 24.11
C ALA C 102 0.52 -15.90 23.58
N PRO C 103 0.65 -17.21 23.74
CA PRO C 103 1.90 -17.84 23.32
C PRO C 103 2.25 -17.54 21.88
N PHE C 104 3.55 -17.38 21.63
CA PHE C 104 4.08 -17.09 20.32
C PHE C 104 5.44 -17.70 20.17
N THR C 105 5.92 -17.73 18.94
CA THR C 105 7.24 -18.20 18.60
C THR C 105 8.00 -17.00 18.07
N PRO C 106 9.03 -16.56 18.78
CA PRO C 106 9.67 -15.32 18.37
C PRO C 106 10.65 -15.46 17.20
N ILE C 107 10.65 -14.45 16.34
CA ILE C 107 11.63 -14.33 15.26
C ILE C 107 12.08 -12.87 15.35
N GLN C 108 13.37 -12.65 15.56
CA GLN C 108 13.84 -11.31 15.78
C GLN C 108 14.77 -10.82 14.68
N ILE C 109 14.52 -9.57 14.27
CA ILE C 109 15.36 -8.87 13.30
C ILE C 109 15.85 -7.58 13.94
N ARG C 110 17.17 -7.44 14.10
CA ARG C 110 17.74 -6.21 14.66
C ARG C 110 18.43 -5.39 13.58
N CYS C 111 18.04 -4.12 13.43
CA CYS C 111 18.67 -3.23 12.47
C CYS C 111 19.79 -2.45 13.14
N VAL C 112 20.92 -2.36 12.44
CA VAL C 112 22.07 -1.60 12.92
C VAL C 112 22.62 -0.77 11.79
N ALA C 113 23.31 0.31 12.15
CA ALA C 113 23.94 1.21 11.18
C ALA C 113 25.01 2.04 11.90
N SER C 114 25.94 2.58 11.13
CA SER C 114 27.02 3.40 11.71
C SER C 114 26.49 4.73 12.23
N GLY C 115 27.07 5.19 13.34
CA GLY C 115 26.66 6.46 13.96
C GLY C 115 26.66 7.65 13.01
N ASP C 116 27.64 7.71 12.11
CA ASP C 116 27.73 8.78 11.13
C ASP C 116 26.49 8.80 10.24
N VAL C 117 26.10 7.62 9.76
CA VAL C 117 24.92 7.49 8.91
C VAL C 117 23.62 7.79 9.66
N LEU C 118 23.56 7.45 10.95
CA LEU C 118 22.37 7.73 11.74
C LEU C 118 22.19 9.23 11.99
N VAL C 119 23.28 9.95 12.25
CA VAL C 119 23.17 11.40 12.44
C VAL C 119 22.70 12.02 11.12
N GLU C 120 23.37 11.65 10.03
CA GLU C 120 23.01 12.13 8.70
C GLU C 120 21.54 11.89 8.40
N ARG C 121 21.05 10.68 8.70
CA ARG C 121 19.63 10.37 8.47
C ARG C 121 18.74 11.22 9.36
N ILE C 122 19.11 11.34 10.63
CA ILE C 122 18.33 12.13 11.56
C ILE C 122 18.25 13.59 11.13
N LEU C 123 19.38 14.18 10.77
CA LEU C 123 19.40 15.56 10.30
C LEU C 123 18.64 15.70 8.98
N SER C 124 18.82 14.72 8.10
CA SER C 124 18.12 14.69 6.82
C SER C 124 16.60 14.62 6.98
N ARG C 125 16.14 13.75 7.88
CA ARG C 125 14.70 13.55 8.10
C ARG C 125 14.02 14.76 8.73
N ILE C 126 14.69 15.42 9.66
CA ILE C 126 14.15 16.62 10.29
C ILE C 126 14.09 17.78 9.29
N ALA C 127 15.08 17.84 8.40
CA ALA C 127 15.18 18.91 7.40
C ALA C 127 14.18 18.77 6.25
N GLN C 128 13.74 17.53 5.99
CA GLN C 128 12.75 17.29 4.94
C GLN C 128 11.33 17.64 5.41
N GLY C 129 11.16 17.82 6.71
CA GLY C 129 9.87 18.18 7.30
C GLY C 129 8.77 17.15 7.04
N ALA C 130 9.13 15.87 7.12
CA ALA C 130 8.19 14.76 6.90
C ALA C 130 7.72 14.15 8.22
N ARG C 131 8.64 14.09 9.18
CA ARG C 131 8.40 13.55 10.51
C ARG C 131 7.26 14.27 11.21
N HIS C 132 6.32 13.52 11.79
CA HIS C 132 5.19 14.13 12.51
C HIS C 132 5.76 15.06 13.58
N PRO C 133 5.16 16.26 13.73
CA PRO C 133 5.74 17.28 14.64
C PRO C 133 5.73 16.91 16.11
N GLY C 134 4.80 16.07 16.52
CA GLY C 134 4.66 15.72 17.91
C GLY C 134 5.79 14.92 18.51
N HIS C 135 6.60 14.25 17.67
CA HIS C 135 7.68 13.41 18.19
C HIS C 135 8.72 14.18 19.03
N CYS C 136 9.01 15.41 18.64
CA CYS C 136 10.00 16.26 19.36
C CYS C 136 11.31 15.51 19.57
N ASP C 137 11.86 15.00 18.49
CA ASP C 137 13.06 14.19 18.55
C ASP C 137 14.23 15.02 19.05
N ASP C 138 14.90 14.53 20.07
CA ASP C 138 16.06 15.22 20.64
C ASP C 138 17.06 15.45 19.51
N ARG C 139 17.45 16.72 19.31
CA ARG C 139 18.31 17.08 18.19
C ARG C 139 19.47 18.00 18.54
N SER C 140 19.79 18.14 19.83
CA SER C 140 20.91 18.99 20.24
C SER C 140 22.22 18.34 19.79
N PRO C 141 23.30 19.13 19.70
CA PRO C 141 24.61 18.57 19.37
C PRO C 141 24.98 17.38 20.27
N ALA C 142 24.69 17.50 21.57
CA ALA C 142 24.95 16.43 22.53
C ALA C 142 24.09 15.21 22.24
N ASP C 143 22.86 15.45 21.82
CA ASP C 143 21.96 14.37 21.43
C ASP C 143 22.50 13.63 20.20
N LEU C 144 23.00 14.39 19.23
CA LEU C 144 23.56 13.80 18.01
C LEU C 144 24.88 13.07 18.29
N GLU C 145 25.69 13.61 19.20
CA GLU C 145 26.94 12.96 19.61
C GLU C 145 26.61 11.66 20.35
N LEU C 146 25.48 11.62 21.06
CA LEU C 146 25.05 10.39 21.70
C LEU C 146 24.62 9.37 20.64
N VAL C 147 23.88 9.83 19.64
CA VAL C 147 23.47 8.97 18.54
C VAL C 147 24.69 8.38 17.80
N ARG C 148 25.75 9.18 17.68
CA ARG C 148 26.94 8.79 16.92
C ARG C 148 27.83 7.75 17.60
N SER C 149 27.91 7.81 18.92
CA SER C 149 28.82 6.96 19.69
C SER C 149 28.17 5.79 20.43
N ARG C 150 26.84 5.79 20.48
CA ARG C 150 26.05 4.84 21.25
C ARG C 150 26.21 3.34 20.96
N GLY C 151 26.49 2.96 19.72
CA GLY C 151 26.59 1.54 19.37
C GLY C 151 25.23 0.91 19.09
N ASP C 152 25.23 -0.41 18.83
CA ASP C 152 24.02 -1.10 18.39
C ASP C 152 23.06 -1.44 19.52
N ILE C 153 21.77 -1.35 19.25
CA ILE C 153 20.77 -1.61 20.29
C ILE C 153 20.89 -3.08 20.70
N PRO C 154 20.88 -3.35 22.01
CA PRO C 154 20.85 -4.77 22.38
C PRO C 154 19.56 -5.46 21.95
N PRO C 155 19.66 -6.72 21.49
CA PRO C 155 18.45 -7.42 21.12
C PRO C 155 17.75 -7.91 22.36
N LEU C 156 16.50 -8.31 22.22
CA LEU C 156 15.74 -8.86 23.34
C LEU C 156 16.10 -10.34 23.52
N PRO C 157 16.38 -10.79 24.75
CA PRO C 157 16.76 -12.18 24.98
C PRO C 157 15.54 -13.12 24.99
N LEU C 158 14.91 -13.26 23.83
CA LEU C 158 13.67 -14.04 23.72
C LEU C 158 13.88 -15.48 23.27
N GLY C 159 15.11 -15.82 22.89
CA GLY C 159 15.41 -17.11 22.31
C GLY C 159 14.93 -17.10 20.86
N GLY C 160 15.11 -18.23 20.18
CA GLY C 160 14.72 -18.34 18.77
C GLY C 160 15.72 -17.68 17.84
N PRO C 161 15.40 -17.64 16.54
CA PRO C 161 16.31 -17.04 15.57
C PRO C 161 16.40 -15.52 15.64
N LEU C 162 17.56 -15.01 15.25
CA LEU C 162 17.88 -13.59 15.25
C LEU C 162 18.72 -13.27 14.03
N LEU C 163 18.25 -12.34 13.22
CA LEU C 163 19.02 -11.85 12.09
C LEU C 163 19.41 -10.41 12.39
N THR C 164 20.69 -10.09 12.30
CA THR C 164 21.13 -8.72 12.46
C THR C 164 21.40 -8.14 11.09
N VAL C 165 20.65 -7.09 10.73
CA VAL C 165 20.74 -6.48 9.42
C VAL C 165 21.44 -5.14 9.53
N ASP C 166 22.56 -5.01 8.81
CA ASP C 166 23.35 -3.78 8.77
C ASP C 166 22.80 -2.92 7.63
N THR C 167 22.26 -1.76 7.99
CA THR C 167 21.67 -0.86 7.00
C THR C 167 22.54 0.33 6.63
N THR C 168 23.80 0.32 7.08
CA THR C 168 24.73 1.41 6.79
C THR C 168 24.76 1.76 5.31
N PHE C 169 24.80 0.75 4.45
CA PHE C 169 24.85 0.97 3.01
C PHE C 169 23.60 0.32 2.40
N PRO C 170 22.50 1.10 2.33
CA PRO C 170 21.18 0.58 2.00
C PRO C 170 21.04 0.11 0.56
N GLU C 171 21.84 0.69 -0.33
CA GLU C 171 21.84 0.29 -1.74
C GLU C 171 22.32 -1.15 -1.90
N GLN C 172 23.11 -1.64 -0.95
CA GLN C 172 23.67 -3.00 -1.02
C GLN C 172 22.87 -4.03 -0.20
N ILE C 173 21.65 -3.70 0.16
CA ILE C 173 20.81 -4.60 0.97
C ILE C 173 19.76 -5.34 0.13
N ASP C 174 19.68 -6.65 0.36
CA ASP C 174 18.77 -7.52 -0.39
C ASP C 174 17.55 -7.85 0.47
N ASN C 176 14.55 -9.19 -0.41
CA ASN C 176 13.96 -10.48 -0.69
C ASN C 176 14.58 -11.62 0.10
N ALA C 177 15.90 -11.53 0.31
CA ALA C 177 16.63 -12.53 1.08
C ALA C 177 16.21 -12.42 2.54
N ILE C 178 16.04 -11.19 3.02
CA ILE C 178 15.60 -10.95 4.40
C ILE C 178 14.16 -11.44 4.61
N VAL C 179 13.31 -11.26 3.61
CA VAL C 179 11.94 -11.74 3.70
C VAL C 179 11.94 -13.27 3.66
N GLN C 180 12.79 -13.84 2.81
CA GLN C 180 12.94 -15.30 2.71
C GLN C 180 13.46 -15.93 3.99
N TRP C 181 14.41 -15.24 4.63
CA TRP C 181 14.96 -15.69 5.89
C TRP C 181 13.83 -15.85 6.92
N VAL C 182 12.95 -14.86 6.96
CA VAL C 182 11.82 -14.88 7.89
C VAL C 182 10.84 -15.99 7.51
N ARG C 183 10.48 -16.03 6.23
N ARG C 183 10.51 -16.07 6.23
CA ARG C 183 9.57 -17.06 5.69
CA ARG C 183 9.54 -17.06 5.76
C ARG C 183 9.96 -18.48 6.12
C ARG C 183 9.95 -18.50 6.09
N GLN C 184 11.25 -18.78 6.05
CA GLN C 184 11.77 -20.11 6.36
C GLN C 184 11.57 -20.48 7.84
N HIS C 185 11.78 -19.53 8.73
CA HIS C 185 11.57 -19.79 10.16
C HIS C 185 10.08 -19.91 10.45
N LEU C 186 9.26 -19.22 9.68
CA LEU C 186 7.80 -19.34 9.80
C LEU C 186 7.32 -20.75 9.41
N GLN C 187 7.89 -21.28 8.33
CA GLN C 187 7.56 -22.63 7.87
C GLN C 187 8.04 -23.68 8.87
N SER C 188 9.24 -23.48 9.43
CA SER C 188 9.77 -24.38 10.44
C SER C 188 8.94 -24.30 11.73
N GLY C 189 8.38 -23.13 12.01
CA GLY C 189 7.60 -22.91 13.22
C GLY C 189 6.21 -23.54 13.25
N THR C 190 5.67 -23.89 12.10
CA THR C 190 4.33 -24.47 12.03
C THR C 190 4.29 -25.95 12.44
N GLN D 3 -8.99 -13.79 -0.68
CA GLN D 3 -10.42 -13.60 -0.23
C GLN D 3 -10.55 -12.32 0.58
N THR D 4 -11.72 -11.68 0.48
CA THR D 4 -11.99 -10.46 1.24
C THR D 4 -12.31 -10.86 2.69
N PRO D 5 -11.60 -10.25 3.66
CA PRO D 5 -11.88 -10.62 5.05
C PRO D 5 -13.20 -10.05 5.56
N ALA D 6 -13.70 -10.62 6.65
CA ALA D 6 -14.92 -10.13 7.28
C ALA D 6 -14.56 -9.12 8.37
N LEU D 7 -15.39 -8.10 8.49
CA LEU D 7 -15.29 -7.14 9.58
C LEU D 7 -16.59 -7.29 10.36
N ILE D 8 -16.49 -7.81 11.57
CA ILE D 8 -17.64 -8.04 12.40
C ILE D 8 -17.78 -6.84 13.34
N ILE D 9 -18.85 -6.08 13.17
CA ILE D 9 -19.10 -4.88 13.95
C ILE D 9 -20.12 -5.19 15.05
N VAL D 10 -19.69 -5.05 16.29
CA VAL D 10 -20.60 -5.21 17.44
C VAL D 10 -20.87 -3.83 18.04
N THR D 11 -22.13 -3.39 17.93
CA THR D 11 -22.53 -2.07 18.37
C THR D 11 -23.64 -2.19 19.40
N GLY D 12 -23.95 -1.06 20.02
CA GLY D 12 -24.95 -0.99 21.06
C GLY D 12 -24.67 0.19 21.95
N HIS D 13 -25.71 0.68 22.63
CA HIS D 13 -25.50 1.69 23.65
C HIS D 13 -24.69 1.10 24.81
N PRO D 14 -24.08 1.96 25.62
CA PRO D 14 -23.38 1.45 26.80
C PRO D 14 -24.25 0.52 27.66
N ALA D 15 -23.62 -0.58 28.11
CA ALA D 15 -24.19 -1.57 29.02
C ALA D 15 -25.22 -2.51 28.40
N THR D 16 -25.34 -2.49 27.07
CA THR D 16 -26.26 -3.39 26.36
C THR D 16 -25.76 -4.83 26.21
N GLY D 17 -24.55 -5.09 26.68
CA GLY D 17 -23.98 -6.43 26.57
C GLY D 17 -22.98 -6.58 25.44
N LYS D 18 -22.69 -5.49 24.73
CA LYS D 18 -21.76 -5.56 23.61
C LYS D 18 -20.36 -6.02 24.00
N THR D 19 -19.91 -5.65 25.20
CA THR D 19 -18.62 -6.09 25.69
C THR D 19 -18.54 -7.61 25.84
N THR D 20 -19.42 -8.19 26.65
CA THR D 20 -19.42 -9.62 26.84
C THR D 20 -19.69 -10.40 25.57
N LEU D 21 -20.66 -9.96 24.78
CA LEU D 21 -20.95 -10.61 23.51
C LEU D 21 -19.75 -10.57 22.56
N SER D 22 -19.13 -9.40 22.42
CA SER D 22 -17.98 -9.29 21.52
C SER D 22 -16.82 -10.19 21.95
N GLN D 23 -16.58 -10.26 23.26
CA GLN D 23 -15.54 -11.13 23.80
C GLN D 23 -15.87 -12.61 23.52
N ALA D 24 -17.16 -12.98 23.63
CA ALA D 24 -17.54 -14.36 23.33
C ALA D 24 -17.42 -14.66 21.85
N LEU D 25 -17.66 -13.68 20.97
CA LEU D 25 -17.45 -13.91 19.55
C LEU D 25 -15.98 -14.11 19.24
N ALA D 26 -15.14 -13.30 19.87
CA ALA D 26 -13.71 -13.37 19.63
C ALA D 26 -13.20 -14.76 20.01
N THR D 27 -13.65 -15.26 21.15
CA THR D 27 -13.29 -16.59 21.61
C THR D 27 -13.86 -17.68 20.73
N GLY D 28 -15.13 -17.54 20.37
CA GLY D 28 -15.80 -18.56 19.58
C GLY D 28 -15.33 -18.64 18.13
N LEU D 29 -15.04 -17.50 17.52
CA LEU D 29 -14.59 -17.45 16.13
C LEU D 29 -13.08 -17.49 16.00
N ARG D 30 -12.38 -17.34 17.11
CA ARG D 30 -10.92 -17.17 17.16
C ARG D 30 -10.49 -16.01 16.27
N LEU D 31 -10.96 -14.82 16.61
CA LEU D 31 -10.67 -13.63 15.84
C LEU D 31 -10.17 -12.56 16.79
N PRO D 32 -9.34 -11.64 16.28
CA PRO D 32 -8.90 -10.51 17.09
C PRO D 32 -10.07 -9.59 17.44
N LEU D 33 -9.99 -8.95 18.60
CA LEU D 33 -11.04 -8.05 19.07
C LEU D 33 -10.49 -6.69 19.44
N LEU D 34 -11.04 -5.65 18.81
CA LEU D 34 -10.65 -4.27 19.06
C LEU D 34 -11.81 -3.54 19.68
N SER D 35 -11.66 -3.12 20.93
CA SER D 35 -12.74 -2.44 21.66
C SER D 35 -12.37 -1.00 21.92
N LYS D 36 -13.29 -0.06 21.66
CA LYS D 36 -12.99 1.33 21.92
C LYS D 36 -12.65 1.51 23.42
N ASP D 37 -13.52 1.04 24.31
CA ASP D 37 -13.28 1.27 25.74
C ASP D 37 -12.04 0.60 26.29
N ALA D 38 -11.67 -0.55 25.73
CA ALA D 38 -10.43 -1.20 26.16
C ALA D 38 -9.24 -0.35 25.75
N PHE D 39 -9.28 0.23 24.55
CA PHE D 39 -8.20 1.12 24.07
C PHE D 39 -8.18 2.39 24.94
N LYS D 40 -9.35 2.90 25.31
CA LYS D 40 -9.38 4.09 26.19
C LYS D 40 -8.68 3.82 27.52
N GLU D 41 -8.88 2.64 28.07
CA GLU D 41 -8.32 2.29 29.38
C GLU D 41 -6.78 2.19 29.31
N VAL D 42 -6.26 1.71 28.20
CA VAL D 42 -4.82 1.67 28.03
C VAL D 42 -4.29 3.10 28.08
N PHE D 44 -5.85 5.77 29.41
CA PHE D 44 -6.00 6.33 30.78
C PHE D 44 -4.87 5.87 31.70
N ASP D 45 -4.51 4.60 31.62
CA ASP D 45 -3.45 4.09 32.49
C ASP D 45 -2.08 4.61 32.14
N GLY D 46 -1.81 4.90 30.86
CA GLY D 46 -0.51 5.42 30.48
C GLY D 46 -0.37 6.93 30.57
N LEU D 47 -1.46 7.66 30.34
CA LEU D 47 -1.42 9.12 30.30
C LEU D 47 -2.10 9.80 31.47
N GLY D 48 -2.93 9.07 32.21
CA GLY D 48 -3.71 9.65 33.31
C GLY D 48 -5.08 10.05 32.82
N TRP D 49 -5.91 10.55 33.74
CA TRP D 49 -7.23 10.98 33.39
C TRP D 49 -7.58 12.19 34.23
N SER D 50 -8.71 12.80 33.92
CA SER D 50 -9.11 14.00 34.62
C SER D 50 -10.62 14.19 34.55
N ASP D 51 -11.10 14.75 33.45
CA ASP D 51 -12.50 15.13 33.34
C ASP D 51 -13.20 14.56 32.10
N ARG D 52 -14.44 14.96 31.90
CA ARG D 52 -15.23 14.44 30.79
C ARG D 52 -14.65 14.86 29.44
N GLU D 53 -14.14 16.09 29.34
CA GLU D 53 -13.52 16.54 28.08
C GLU D 53 -12.34 15.62 27.74
N TRP D 54 -11.52 15.28 28.72
CA TRP D 54 -10.36 14.40 28.49
C TRP D 54 -10.84 13.02 28.05
N SER D 55 -11.84 12.51 28.75
CA SER D 55 -12.45 11.24 28.37
C SER D 55 -12.95 11.26 26.91
N ARG D 56 -13.60 12.34 26.50
CA ARG D 56 -14.11 12.48 25.11
C ARG D 56 -12.94 12.44 24.13
N ARG D 57 -11.88 13.16 24.47
CA ARG D 57 -10.69 13.26 23.63
C ARG D 57 -10.02 11.90 23.49
N VAL D 58 -9.87 11.20 24.62
CA VAL D 58 -9.31 9.84 24.61
C VAL D 58 -10.20 8.88 23.81
N GLY D 59 -11.52 9.02 23.95
CA GLY D 59 -12.46 8.21 23.16
C GLY D 59 -12.30 8.46 21.66
N ALA D 60 -12.18 9.71 21.26
CA ALA D 60 -12.00 10.05 19.83
C ALA D 60 -10.70 9.45 19.30
N THR D 61 -9.66 9.48 20.13
CA THR D 61 -8.36 8.93 19.78
C THR D 61 -8.40 7.40 19.73
N ALA D 62 -9.08 6.77 20.68
CA ALA D 62 -9.24 5.32 20.69
C ALA D 62 -9.95 4.82 19.41
N ILE D 63 -10.93 5.58 18.94
N ILE D 63 -10.94 5.57 18.95
CA ILE D 63 -11.61 5.29 17.67
CA ILE D 63 -11.70 5.20 17.77
C ILE D 63 -10.58 5.38 16.54
C ILE D 63 -10.79 5.19 16.53
N LEU D 66 -8.63 2.23 16.64
CA LEU D 66 -9.39 1.07 16.17
C LEU D 66 -9.31 0.95 14.65
N TYR D 67 -9.53 2.07 13.96
CA TYR D 67 -9.54 2.04 12.49
C TYR D 67 -8.13 1.84 11.95
N HIS D 68 -7.13 2.37 12.68
CA HIS D 68 -5.73 2.21 12.30
C HIS D 68 -5.29 0.76 12.34
N THR D 69 -5.61 0.11 13.45
CA THR D 69 -5.26 -1.26 13.70
C THR D 69 -6.11 -2.19 12.81
N ALA D 70 -7.38 -1.87 12.65
CA ALA D 70 -8.22 -2.63 11.72
C ALA D 70 -7.65 -2.70 10.34
N ALA D 71 -7.15 -1.57 9.83
CA ALA D 71 -6.59 -1.51 8.50
C ALA D 71 -5.48 -2.54 8.30
N THR D 72 -4.51 -2.61 9.21
CA THR D 72 -3.39 -3.54 9.01
C THR D 72 -3.80 -5.01 9.16
N ILE D 73 -4.74 -5.29 10.05
CA ILE D 73 -5.24 -6.66 10.19
C ILE D 73 -6.02 -7.07 8.92
N LEU D 74 -6.94 -6.22 8.46
CA LEU D 74 -7.70 -6.57 7.25
C LEU D 74 -6.82 -6.66 6.02
N GLN D 75 -5.79 -5.81 5.95
CA GLN D 75 -4.87 -5.83 4.80
C GLN D 75 -4.06 -7.12 4.75
N SER D 76 -3.91 -7.77 5.91
CA SER D 76 -3.24 -9.05 6.00
C SER D 76 -4.18 -10.20 5.60
N GLY D 77 -5.46 -9.88 5.34
CA GLY D 77 -6.44 -10.88 4.94
C GLY D 77 -7.15 -11.55 6.10
N GLN D 78 -6.92 -11.04 7.32
CA GLN D 78 -7.52 -11.58 8.55
C GLN D 78 -8.82 -10.85 8.92
N SER D 79 -9.80 -11.62 9.39
CA SER D 79 -11.07 -11.07 9.84
C SER D 79 -10.91 -10.55 11.26
N LEU D 80 -11.79 -9.67 11.69
CA LEU D 80 -11.68 -9.14 13.04
C LEU D 80 -13.01 -8.59 13.53
N ILE D 81 -13.06 -8.39 14.83
CA ILE D 81 -14.23 -7.86 15.48
C ILE D 81 -13.90 -6.52 16.03
N GLU D 83 -15.67 -3.45 18.40
CA GLU D 83 -16.74 -3.16 19.35
C GLU D 83 -16.71 -1.71 19.86
N SER D 84 -17.84 -1.04 19.70
CA SER D 84 -18.00 0.32 20.20
C SER D 84 -19.46 0.68 20.15
N ASN D 85 -19.81 1.83 20.74
CA ASN D 85 -21.13 2.41 20.61
C ASN D 85 -21.04 3.32 19.38
N PHE D 86 -21.00 2.68 18.20
CA PHE D 86 -20.73 3.41 16.96
C PHE D 86 -21.84 4.40 16.63
N ARG D 87 -21.45 5.52 16.01
CA ARG D 87 -22.37 6.59 15.62
C ARG D 87 -22.50 6.65 14.13
N VAL D 88 -23.75 6.64 13.65
CA VAL D 88 -23.99 6.71 12.22
C VAL D 88 -23.39 7.99 11.64
N ASP D 89 -23.43 9.09 12.38
CA ASP D 89 -23.01 10.39 11.82
C ASP D 89 -21.51 10.59 11.61
N LEU D 90 -20.72 9.73 12.21
CA LEU D 90 -19.26 9.80 12.09
C LEU D 90 -18.62 8.51 11.59
N ASP D 91 -19.16 7.38 12.05
CA ASP D 91 -18.56 6.10 11.74
C ASP D 91 -18.94 5.56 10.37
N THR D 92 -20.05 6.03 9.80
CA THR D 92 -20.39 5.59 8.44
C THR D 92 -19.24 6.00 7.47
N GLU D 93 -18.81 7.26 7.55
CA GLU D 93 -17.73 7.72 6.69
C GLU D 93 -16.40 7.03 7.01
N ARG D 94 -16.11 6.83 8.29
CA ARG D 94 -14.87 6.12 8.66
C ARG D 94 -14.85 4.69 8.13
N GLN D 96 -16.41 3.63 5.45
CA GLN D 96 -16.25 3.81 4.01
C GLN D 96 -14.77 4.06 3.70
N ASN D 97 -14.12 4.93 4.47
CA ASN D 97 -12.71 5.19 4.26
C ASN D 97 -11.85 3.94 4.52
N LEU D 98 -12.17 3.18 5.57
CA LEU D 98 -11.45 1.96 5.87
C LEU D 98 -11.56 1.01 4.69
N HIS D 99 -12.76 0.86 4.15
CA HIS D 99 -12.99 -0.09 3.10
C HIS D 99 -12.14 0.23 1.85
N THR D 100 -11.94 1.52 1.59
CA THR D 100 -11.14 1.97 0.47
C THR D 100 -9.69 1.52 0.55
N ILE D 101 -9.11 1.48 1.76
CA ILE D 101 -7.71 1.07 1.92
C ILE D 101 -7.55 -0.37 2.40
N ALA D 102 -8.65 -0.96 2.89
CA ALA D 102 -8.66 -2.32 3.40
C ALA D 102 -10.04 -2.94 3.21
N PRO D 103 -10.33 -3.43 1.99
CA PRO D 103 -11.64 -4.03 1.73
C PRO D 103 -12.05 -5.12 2.73
N PHE D 104 -13.33 -5.09 3.10
CA PHE D 104 -13.90 -6.05 4.00
C PHE D 104 -15.36 -6.27 3.67
N THR D 105 -15.91 -7.37 4.19
CA THR D 105 -17.32 -7.69 4.11
C THR D 105 -17.91 -7.55 5.52
N PRO D 106 -18.86 -6.60 5.72
CA PRO D 106 -19.39 -6.35 7.06
C PRO D 106 -20.47 -7.32 7.52
N ILE D 107 -20.38 -7.70 8.80
CA ILE D 107 -21.38 -8.48 9.51
C ILE D 107 -21.62 -7.69 10.78
N GLN D 108 -22.86 -7.34 11.06
CA GLN D 108 -23.15 -6.44 12.18
C GLN D 108 -24.05 -7.08 13.22
N ILE D 109 -23.71 -6.88 14.49
CA ILE D 109 -24.55 -7.33 15.60
C ILE D 109 -24.82 -6.12 16.45
N ARG D 110 -26.10 -5.85 16.69
CA ARG D 110 -26.50 -4.74 17.53
C ARG D 110 -27.10 -5.25 18.84
N CYS D 111 -26.53 -4.81 19.95
CA CYS D 111 -27.02 -5.22 21.26
C CYS D 111 -27.97 -4.15 21.79
N VAL D 112 -29.05 -4.62 22.40
CA VAL D 112 -30.03 -3.74 23.01
C VAL D 112 -30.49 -4.34 24.33
N ALA D 113 -31.07 -3.51 25.18
CA ALA D 113 -31.68 -3.97 26.45
C ALA D 113 -32.61 -2.89 26.96
N SER D 114 -33.53 -3.27 27.84
CA SER D 114 -34.47 -2.31 28.38
C SER D 114 -33.76 -1.20 29.15
N GLY D 115 -34.35 -0.01 29.13
CA GLY D 115 -33.81 1.13 29.83
C GLY D 115 -33.58 0.87 31.31
N ASP D 116 -34.53 0.24 31.98
CA ASP D 116 -34.39 -0.03 33.41
C ASP D 116 -33.15 -0.87 33.69
N VAL D 117 -32.96 -1.91 32.89
CA VAL D 117 -31.82 -2.79 33.01
C VAL D 117 -30.53 -2.04 32.74
N LEU D 118 -30.52 -1.18 31.74
CA LEU D 118 -29.32 -0.38 31.44
C LEU D 118 -28.91 0.54 32.59
N VAL D 119 -29.87 1.21 33.22
CA VAL D 119 -29.56 2.10 34.35
C VAL D 119 -28.90 1.30 35.48
N GLU D 120 -29.51 0.17 35.81
CA GLU D 120 -29.00 -0.76 36.83
C GLU D 120 -27.54 -1.12 36.58
N ARG D 121 -27.24 -1.51 35.34
CA ARG D 121 -25.90 -1.96 34.98
C ARG D 121 -24.87 -0.85 35.07
N ILE D 122 -25.26 0.32 34.60
CA ILE D 122 -24.36 1.46 34.59
C ILE D 122 -24.00 1.85 36.02
N LEU D 123 -25.01 1.96 36.87
CA LEU D 123 -24.79 2.37 38.25
C LEU D 123 -23.94 1.37 38.99
N SER D 124 -24.27 0.10 38.80
CA SER D 124 -23.56 -1.00 39.42
C SER D 124 -22.11 -1.10 38.97
N ARG D 125 -21.87 -0.96 37.67
CA ARG D 125 -20.53 -1.01 37.12
C ARG D 125 -19.65 0.14 37.59
N ILE D 126 -20.23 1.32 37.75
N ILE D 126 -20.23 1.33 37.74
CA ILE D 126 -19.51 2.47 38.27
CA ILE D 126 -19.47 2.47 38.26
C ILE D 126 -19.12 2.19 39.73
C ILE D 126 -19.13 2.22 39.73
N ALA D 127 -20.13 1.86 40.54
CA ALA D 127 -19.96 1.62 41.97
C ALA D 127 -18.94 0.55 42.31
N GLN D 128 -19.07 -0.62 41.66
CA GLN D 128 -18.21 -1.75 41.97
C GLN D 128 -16.81 -1.63 41.34
N GLY D 129 -16.56 -0.54 40.63
CA GLY D 129 -15.25 -0.31 40.06
C GLY D 129 -14.98 -1.03 38.76
N ALA D 130 -16.01 -1.66 38.21
CA ALA D 130 -15.85 -2.35 36.93
C ALA D 130 -15.52 -1.33 35.86
N ARG D 131 -16.21 -0.19 35.91
CA ARG D 131 -16.04 0.88 34.94
C ARG D 131 -14.83 1.74 35.34
N HIS D 132 -13.86 1.88 34.44
CA HIS D 132 -12.64 2.66 34.73
C HIS D 132 -13.04 4.08 35.11
N PRO D 133 -12.45 4.61 36.20
CA PRO D 133 -12.82 5.97 36.62
C PRO D 133 -12.52 7.07 35.60
N GLY D 134 -11.51 6.86 34.77
CA GLY D 134 -11.14 7.84 33.76
C GLY D 134 -12.22 8.23 32.79
N HIS D 135 -13.19 7.35 32.57
CA HIS D 135 -14.28 7.66 31.64
C HIS D 135 -15.11 8.84 32.09
N CYS D 136 -15.20 9.05 33.42
CA CYS D 136 -15.94 10.18 34.01
C CYS D 136 -17.40 10.20 33.61
N ASP D 137 -18.06 9.05 33.73
CA ASP D 137 -19.47 8.94 33.38
C ASP D 137 -20.32 9.78 34.33
N ASP D 138 -21.23 10.56 33.77
CA ASP D 138 -22.15 11.36 34.58
C ASP D 138 -23.35 10.47 34.89
N ARG D 139 -23.70 10.39 36.18
CA ARG D 139 -24.83 9.59 36.61
C ARG D 139 -25.90 10.50 37.22
N SER D 140 -26.00 11.70 36.69
CA SER D 140 -27.01 12.66 37.12
C SER D 140 -28.39 12.14 36.70
N PRO D 141 -29.45 12.62 37.36
CA PRO D 141 -30.77 12.12 36.97
C PRO D 141 -31.07 12.23 35.48
N ALA D 142 -30.63 13.32 34.84
CA ALA D 142 -30.90 13.53 33.41
C ALA D 142 -30.17 12.50 32.57
N ASP D 143 -28.94 12.19 32.96
CA ASP D 143 -28.15 11.18 32.25
C ASP D 143 -28.80 9.81 32.31
N LEU D 144 -29.30 9.43 33.49
CA LEU D 144 -29.95 8.14 33.65
C LEU D 144 -31.28 8.11 32.93
N GLU D 145 -32.01 9.23 32.94
CA GLU D 145 -33.27 9.31 32.21
C GLU D 145 -33.01 9.14 30.71
N LEU D 146 -31.94 9.73 30.21
CA LEU D 146 -31.59 9.61 28.80
C LEU D 146 -31.32 8.14 28.47
N VAL D 147 -30.50 7.49 29.30
CA VAL D 147 -30.22 6.07 29.17
C VAL D 147 -31.51 5.24 29.20
N ARG D 148 -32.38 5.55 30.16
CA ARG D 148 -33.59 4.77 30.36
C ARG D 148 -34.61 4.93 29.25
N SER D 149 -34.59 6.06 28.56
CA SER D 149 -35.63 6.35 27.58
C SER D 149 -35.25 6.41 26.10
N ARG D 150 -33.96 6.49 25.77
CA ARG D 150 -33.56 6.71 24.38
C ARG D 150 -33.74 5.56 23.38
N GLY D 151 -34.00 4.36 23.87
CA GLY D 151 -34.22 3.29 22.93
C GLY D 151 -32.95 2.81 22.24
N ASP D 152 -33.11 2.02 21.19
CA ASP D 152 -31.99 1.29 20.64
C ASP D 152 -31.09 2.09 19.72
N ILE D 153 -29.80 1.75 19.74
CA ILE D 153 -28.81 2.47 18.96
C ILE D 153 -29.11 2.23 17.48
N PRO D 154 -29.08 3.29 16.66
CA PRO D 154 -29.18 3.02 15.23
C PRO D 154 -27.98 2.22 14.74
N PRO D 155 -28.22 1.14 13.97
CA PRO D 155 -27.05 0.45 13.46
C PRO D 155 -26.36 1.21 12.33
N LEU D 156 -25.12 0.84 12.00
CA LEU D 156 -24.43 1.52 10.91
C LEU D 156 -25.00 1.03 9.57
N PRO D 157 -25.24 1.96 8.63
CA PRO D 157 -25.74 1.63 7.29
C PRO D 157 -24.61 1.16 6.37
N LEU D 158 -24.13 -0.07 6.62
CA LEU D 158 -23.00 -0.64 5.87
C LEU D 158 -23.43 -1.69 4.86
N GLY D 159 -24.71 -2.05 4.88
CA GLY D 159 -25.20 -3.18 4.11
C GLY D 159 -24.76 -4.45 4.80
N GLY D 160 -25.08 -5.58 4.23
CA GLY D 160 -24.67 -6.84 4.82
C GLY D 160 -25.58 -7.28 5.96
N PRO D 161 -25.29 -8.45 6.54
CA PRO D 161 -26.08 -9.00 7.60
C PRO D 161 -26.16 -8.18 8.88
N LEU D 162 -27.32 -8.22 9.53
CA LEU D 162 -27.54 -7.57 10.81
C LEU D 162 -28.38 -8.45 11.70
N LEU D 163 -27.94 -8.59 12.94
CA LEU D 163 -28.70 -9.31 13.97
C LEU D 163 -28.79 -8.41 15.18
N THR D 164 -29.99 -8.23 15.73
CA THR D 164 -30.15 -7.50 16.98
C THR D 164 -30.36 -8.49 18.10
N VAL D 165 -29.60 -8.32 19.17
CA VAL D 165 -29.66 -9.21 20.30
C VAL D 165 -30.08 -8.45 21.55
N ASP D 166 -31.20 -8.86 22.14
CA ASP D 166 -31.74 -8.22 23.35
C ASP D 166 -31.20 -8.93 24.59
N THR D 167 -30.46 -8.23 25.43
CA THR D 167 -29.80 -8.85 26.58
C THR D 167 -30.51 -8.58 27.88
N THR D 168 -31.75 -8.07 27.81
CA THR D 168 -32.54 -7.75 29.00
C THR D 168 -32.61 -8.94 29.97
N PHE D 169 -32.73 -10.14 29.41
CA PHE D 169 -32.72 -11.36 30.22
C PHE D 169 -31.58 -12.23 29.74
N PRO D 170 -30.38 -12.04 30.30
CA PRO D 170 -29.18 -12.75 29.85
C PRO D 170 -29.29 -14.26 29.86
N GLU D 171 -30.05 -14.80 30.81
CA GLU D 171 -30.24 -16.24 30.90
C GLU D 171 -30.83 -16.84 29.62
N GLN D 172 -31.55 -16.02 28.85
CA GLN D 172 -32.23 -16.48 27.64
C GLN D 172 -31.36 -16.47 26.38
N ILE D 173 -30.14 -15.94 26.46
CA ILE D 173 -29.28 -15.82 25.28
C ILE D 173 -28.37 -17.03 25.08
N ASP D 174 -28.40 -17.61 23.89
CA ASP D 174 -27.53 -18.75 23.54
C ASP D 174 -26.37 -18.15 22.78
N ASN D 176 -23.63 -19.41 21.70
CA ASN D 176 -23.15 -20.25 20.61
C ASN D 176 -23.97 -20.03 19.34
N ALA D 177 -25.27 -19.87 19.50
CA ALA D 177 -26.14 -19.60 18.36
C ALA D 177 -25.73 -18.32 17.63
N ILE D 178 -25.26 -17.33 18.40
CA ILE D 178 -24.83 -16.06 17.82
C ILE D 178 -23.51 -16.25 17.06
N VAL D 179 -22.61 -17.02 17.64
CA VAL D 179 -21.34 -17.36 16.98
C VAL D 179 -21.62 -18.10 15.67
N GLN D 180 -22.51 -19.08 15.73
CA GLN D 180 -22.86 -19.86 14.54
C GLN D 180 -23.50 -19.00 13.46
N TRP D 181 -24.31 -18.03 13.86
CA TRP D 181 -24.89 -17.09 12.94
C TRP D 181 -23.78 -16.33 12.17
N VAL D 182 -22.80 -15.80 12.89
CA VAL D 182 -21.70 -15.10 12.20
C VAL D 182 -21.06 -16.07 11.18
N ARG D 183 -20.81 -17.32 11.57
CA ARG D 183 -20.31 -18.34 10.61
C ARG D 183 -21.22 -18.58 9.38
N GLN D 184 -22.52 -18.62 9.56
CA GLN D 184 -23.46 -18.79 8.45
C GLN D 184 -23.25 -17.67 7.40
N HIS D 185 -22.64 -16.56 7.82
CA HIS D 185 -22.47 -15.41 6.95
C HIS D 185 -21.04 -15.12 6.53
N LEU D 186 -20.08 -15.88 7.06
CA LEU D 186 -18.70 -15.75 6.60
C LEU D 186 -18.60 -16.38 5.20
N GLN D 187 -17.94 -15.67 4.29
CA GLN D 187 -17.79 -16.10 2.91
C GLN D 187 -16.37 -16.58 2.65
#